data_8OXY
#
_entry.id   8OXY
#
_cell.length_a   80.022
_cell.length_b   92.275
_cell.length_c   90.359
_cell.angle_alpha   90.000
_cell.angle_beta   92.310
_cell.angle_gamma   90.000
#
_symmetry.space_group_name_H-M   'P 1 21 1'
#
loop_
_entity.id
_entity.type
_entity.pdbx_description
1 polymer 'Protein-glutamine gamma-glutamyltransferase E 27 kDa non-catalytic chain'
2 polymer 'Antibody fab fragment heavy chain'
3 polymer 'Antibody fab fragment light chain'
4 non-polymer 1,2-ETHANEDIOL
5 non-polymer 'PHOSPHATE ION'
6 water water
#
loop_
_entity_poly.entity_id
_entity_poly.type
_entity_poly.pdbx_seq_one_letter_code
_entity_poly.pdbx_strand_id
1 'polypeptide(L)'
;MAALGVQSINWQTAFNRQAHHTDKFSSQELILRRGQNFQVLMIMNKGLGSNERLEFIVSTGPYPSESAMTKAVFPLSNGS
SGGWSAVLQASNGNTLTISISSPASAPIGRYTMALQIFSQGGISSVKLGTFILLFNPWLNVDSVFMGNHAEREEYVQEDA
GIIFVGSTNRIGMIGWNFGQFEEDILSICLSILDRSLNFRRDAATDVASRNDPKYVGRVLSAMINSNDDNGVLAGNWSGT
YTGGRDPRSWNGSVEILKNWKKSGFSPVRYGQCWVFAGTLNTALRSLGIPSRVITNFNSAHDTDRNLSVDVYYDPMGNPL
DKGSDSVWNFHVWNEGWFVRSDLGPSYGGWQVLDATPQERSQGVFQCGPASVIGVREGDVQLNFDMPFIFAEVNADRITW
LYDNTTGKQWKNSVNSHTIGRYISTKAVGSNARMDVTDKYKYPEGSDQERQVFQKALGKLKPNTPFAATSSMGLETEEQE
PSIIGKLKVAGMLAVGKEVNLVLLLKNLSRDTKTVTVNMTAWTIIYNGTLVHEVWKDSATMSLDPEEEAEHPIKISYAQY
EKYLKSDNMIRITAVCKVPDESEVVVERDIILDNPTLTLEVLNEARVRKPVNVQMLFSNPLDEPVRDCVLMVEGSGLLLG
NLKIDVPTLGPKEGSRVRFDILPSRSGTKQLLADFSCNKFPAIKAMLSIDVAE
;
A
2 'polypeptide(L)'
;EVQLVESGGGLVQPGRSLRLSCTASGFTFDDYAMHWVRQAPGKGLEWVSRISWNSRSIAYADSVKGRFTISRDSAKNSLY
LQMNSLRTEDTALYYCAKDHYLGSDSYGMDVWGQGTTVTVSSASTKGPSVFPLAPSSKSTSGGTAALGCLVKDYFPEPVT
VSWNSGALTSGVHTFPAVLQSSGLYSLSSVVTVPSSSLGTQTYICNVNHKPSNTKVDKRVEPKSC
;
B
3 'polypeptide(L)'
;NFMLTQPHSVSESPGKTVTISCTRSSGSIDSNYVQWYQQRPGSAPTIVIHEDNQRPSGVPDRFSGSIDTSSNSASLTISG
LKTEDEADYYCQSYDPSNVVFGGGTKLTVLGQPKAAPSVTLFPPSSEELQANKATLVCLISDFYPGAVTVAWKADSSPVK
AGVETTTPSKQSNNKYAASSYLSLTPEQWKSHRSYSCQVTHEGSTVEKTVAPTECS
;
C
#
loop_
_chem_comp.id
_chem_comp.type
_chem_comp.name
_chem_comp.formula
EDO non-polymer 1,2-ETHANEDIOL 'C2 H6 O2'
PO4 non-polymer 'PHOSPHATE ION' 'O4 P -3'
#
# COMPACT_ATOMS: atom_id res chain seq x y z
N ALA A 2 34.43 -41.47 1.02
CA ALA A 2 34.06 -40.03 1.07
C ALA A 2 34.15 -39.40 -0.33
N ALA A 3 33.02 -39.25 -1.05
CA ALA A 3 32.96 -38.48 -2.30
C ALA A 3 32.78 -37.00 -1.97
N LEU A 4 33.54 -36.11 -2.62
CA LEU A 4 33.66 -34.72 -2.12
C LEU A 4 32.32 -33.99 -2.24
N GLY A 5 31.94 -33.27 -1.16
CA GLY A 5 30.71 -32.50 -1.10
C GLY A 5 30.70 -31.37 -0.05
N VAL A 6 29.76 -30.44 -0.19
CA VAL A 6 29.74 -29.29 0.70
C VAL A 6 28.90 -29.64 1.90
N GLN A 7 29.32 -29.15 3.07
CA GLN A 7 28.52 -29.29 4.27
C GLN A 7 27.83 -27.98 4.60
N SER A 8 28.60 -26.90 4.82
CA SER A 8 27.99 -25.60 5.00
C SER A 8 28.83 -24.55 4.31
N ILE A 9 28.19 -23.41 4.15
CA ILE A 9 28.91 -22.24 3.68
C ILE A 9 28.54 -21.11 4.62
N ASN A 10 29.58 -20.45 5.14
CA ASN A 10 29.40 -19.22 5.88
C ASN A 10 29.72 -18.04 4.97
N TRP A 11 28.68 -17.23 4.70
CA TRP A 11 28.81 -16.13 3.76
C TRP A 11 29.48 -14.89 4.39
N GLN A 12 29.68 -14.87 5.71
CA GLN A 12 30.32 -13.73 6.35
C GLN A 12 29.60 -12.44 5.95
N THR A 13 28.28 -12.47 6.06
CA THR A 13 27.44 -11.44 5.49
C THR A 13 27.78 -10.08 6.09
N ALA A 14 27.89 -10.03 7.40
CA ALA A 14 28.03 -8.74 8.04
C ALA A 14 29.35 -8.12 7.63
N PHE A 15 30.44 -8.94 7.64
CA PHE A 15 31.75 -8.45 7.28
C PHE A 15 31.79 -7.95 5.82
N ASN A 16 31.26 -8.75 4.88
CA ASN A 16 31.26 -8.43 3.46
C ASN A 16 30.42 -7.18 3.19
N ARG A 17 29.31 -7.02 3.89
CA ARG A 17 28.49 -5.85 3.61
C ARG A 17 29.16 -4.54 4.06
N GLN A 18 29.90 -4.64 5.15
CA GLN A 18 30.64 -3.51 5.65
C GLN A 18 31.75 -3.16 4.67
N ALA A 19 32.53 -4.16 4.21
CA ALA A 19 33.55 -3.92 3.19
C ALA A 19 32.96 -3.39 1.89
N HIS A 20 31.78 -3.86 1.51
CA HIS A 20 31.15 -3.46 0.27
C HIS A 20 30.33 -2.18 0.41
N HIS A 21 30.28 -1.52 1.57
CA HIS A 21 29.45 -0.33 1.73
C HIS A 21 27.97 -0.58 1.36
N THR A 22 27.43 -1.69 1.83
CA THR A 22 26.04 -2.07 1.72
C THR A 22 25.47 -2.48 3.08
N ASP A 23 26.17 -2.14 4.17
CA ASP A 23 25.74 -2.57 5.50
C ASP A 23 24.50 -1.80 5.98
N LYS A 24 24.10 -0.70 5.35
CA LYS A 24 23.00 0.08 5.92
C LYS A 24 21.66 -0.47 5.50
N PHE A 25 21.61 -1.29 4.45
CA PHE A 25 20.30 -1.77 4.03
C PHE A 25 19.68 -2.64 5.12
N SER A 26 18.40 -2.39 5.37
CA SER A 26 17.64 -3.18 6.32
C SER A 26 17.25 -4.51 5.68
N SER A 27 18.06 -5.53 5.87
CA SER A 27 17.95 -6.76 5.11
C SER A 27 18.95 -7.73 5.71
N GLN A 28 18.63 -9.03 5.66
CA GLN A 28 19.63 -10.01 6.07
C GLN A 28 20.35 -10.61 4.86
N GLU A 29 20.04 -10.17 3.63
CA GLU A 29 20.66 -10.78 2.47
C GLU A 29 22.12 -10.36 2.35
N LEU A 30 22.89 -11.16 1.60
CA LEU A 30 24.19 -10.75 1.18
C LEU A 30 24.06 -9.71 0.03
N ILE A 31 24.63 -8.53 0.22
CA ILE A 31 24.48 -7.45 -0.76
C ILE A 31 25.89 -6.97 -0.99
N LEU A 32 26.31 -7.13 -2.24
CA LEU A 32 27.64 -6.86 -2.69
C LEU A 32 27.64 -5.81 -3.79
N ARG A 33 28.85 -5.28 -4.04
CA ARG A 33 29.09 -4.40 -5.19
C ARG A 33 30.02 -5.12 -6.18
N ARG A 34 29.77 -4.94 -7.47
CA ARG A 34 30.55 -5.62 -8.49
C ARG A 34 32.00 -5.19 -8.51
N GLY A 35 32.86 -6.07 -9.03
CA GLY A 35 34.25 -5.72 -9.26
C GLY A 35 35.14 -5.82 -8.01
N GLN A 36 34.56 -6.28 -6.89
CA GLN A 36 35.19 -6.25 -5.59
C GLN A 36 35.04 -7.62 -4.98
N ASN A 37 36.07 -8.12 -4.31
CA ASN A 37 36.02 -9.50 -3.83
C ASN A 37 35.17 -9.57 -2.55
N PHE A 38 34.65 -10.77 -2.27
CA PHE A 38 34.07 -11.03 -0.98
C PHE A 38 34.60 -12.40 -0.47
N GLN A 39 34.63 -12.58 0.85
CA GLN A 39 35.23 -13.78 1.41
C GLN A 39 34.16 -14.66 2.06
N VAL A 40 34.18 -15.95 1.67
CA VAL A 40 33.31 -16.94 2.28
C VAL A 40 34.13 -18.08 2.89
N LEU A 41 33.55 -18.78 3.88
CA LEU A 41 34.13 -20.00 4.41
C LEU A 41 33.26 -21.16 3.97
N MET A 42 33.85 -22.12 3.28
CA MET A 42 33.09 -23.23 2.80
C MET A 42 33.61 -24.48 3.49
N ILE A 43 32.72 -25.22 4.16
CA ILE A 43 33.12 -26.43 4.87
C ILE A 43 32.78 -27.64 4.00
N MET A 44 33.81 -28.38 3.62
CA MET A 44 33.63 -29.57 2.81
C MET A 44 33.54 -30.77 3.76
N ASN A 45 33.39 -31.99 3.21
CA ASN A 45 33.28 -33.22 3.99
C ASN A 45 34.65 -33.89 4.17
N LYS A 46 35.58 -33.57 3.27
CA LYS A 46 36.98 -33.94 3.44
C LYS A 46 37.88 -32.76 3.04
N GLY A 47 39.21 -32.96 3.13
CA GLY A 47 40.15 -32.17 2.35
C GLY A 47 40.00 -32.45 0.85
N LEU A 48 40.51 -31.53 0.03
CA LEU A 48 40.35 -31.60 -1.41
C LEU A 48 41.14 -32.80 -1.95
N GLY A 49 40.48 -33.69 -2.71
CA GLY A 49 41.17 -34.74 -3.44
C GLY A 49 41.86 -34.18 -4.68
N SER A 50 42.98 -34.82 -5.09
CA SER A 50 43.85 -34.29 -6.13
C SER A 50 43.30 -34.54 -7.54
N ASN A 51 42.49 -35.59 -7.73
CA ASN A 51 41.80 -35.81 -8.99
C ASN A 51 40.63 -34.84 -9.13
N GLU A 52 40.03 -34.43 -8.00
CA GLU A 52 38.71 -33.84 -7.98
C GLU A 52 38.71 -32.42 -8.53
N ARG A 53 37.49 -31.88 -8.72
CA ARG A 53 37.27 -30.52 -9.23
C ARG A 53 36.10 -29.84 -8.54
N LEU A 54 36.26 -28.54 -8.23
CA LEU A 54 35.21 -27.61 -7.81
C LEU A 54 35.03 -26.51 -8.84
N GLU A 55 33.77 -26.27 -9.23
CA GLU A 55 33.44 -25.03 -9.93
C GLU A 55 32.33 -24.29 -9.18
N PHE A 56 32.46 -22.97 -9.12
CA PHE A 56 31.32 -22.13 -8.81
C PHE A 56 30.56 -21.77 -10.07
N ILE A 57 29.24 -21.65 -9.90
CA ILE A 57 28.31 -21.17 -10.90
C ILE A 57 27.49 -20.03 -10.28
N VAL A 58 27.49 -18.87 -10.95
CA VAL A 58 26.60 -17.81 -10.58
C VAL A 58 25.74 -17.51 -11.80
N SER A 59 24.51 -17.12 -11.56
CA SER A 59 23.67 -16.72 -12.65
C SER A 59 22.67 -15.69 -12.14
N THR A 60 22.18 -14.89 -13.07
CA THR A 60 21.20 -13.85 -12.79
C THR A 60 20.16 -13.88 -13.90
N GLY A 61 18.90 -13.81 -13.48
CA GLY A 61 17.84 -13.66 -14.43
C GLY A 61 17.33 -15.02 -14.91
N PRO A 62 16.25 -15.01 -15.69
CA PRO A 62 15.59 -16.26 -16.06
C PRO A 62 16.21 -16.99 -17.25
N TYR A 63 17.09 -16.35 -18.01
CA TYR A 63 17.77 -16.97 -19.15
C TYR A 63 19.28 -16.71 -19.15
N PRO A 64 20.02 -17.24 -18.15
CA PRO A 64 21.40 -16.82 -17.98
C PRO A 64 22.29 -17.44 -19.07
N SER A 65 23.29 -16.66 -19.48
CA SER A 65 24.09 -16.96 -20.64
C SER A 65 25.54 -16.60 -20.30
N GLU A 66 26.47 -17.53 -20.57
CA GLU A 66 27.87 -17.22 -20.45
C GLU A 66 28.26 -16.13 -21.43
N SER A 67 27.84 -16.18 -22.69
CA SER A 67 28.25 -15.12 -23.60
C SER A 67 27.64 -13.77 -23.23
N ALA A 68 26.54 -13.77 -22.47
CA ALA A 68 25.95 -12.51 -22.08
C ALA A 68 26.42 -12.02 -20.71
N MET A 69 27.30 -12.76 -20.05
N MET A 69 27.34 -12.77 -20.10
CA MET A 69 27.84 -12.39 -18.76
CA MET A 69 27.89 -12.55 -18.77
C MET A 69 26.80 -12.57 -17.64
C MET A 69 26.74 -12.43 -17.75
N THR A 70 25.68 -13.24 -17.93
CA THR A 70 24.66 -13.44 -16.90
C THR A 70 24.76 -14.83 -16.30
N LYS A 71 25.71 -15.58 -16.83
CA LYS A 71 26.12 -16.81 -16.20
C LYS A 71 27.63 -16.86 -16.21
N ALA A 72 28.22 -17.41 -15.16
CA ALA A 72 29.66 -17.60 -15.14
C ALA A 72 30.01 -18.86 -14.37
N VAL A 73 30.99 -19.61 -14.90
CA VAL A 73 31.44 -20.87 -14.33
C VAL A 73 32.93 -20.73 -14.13
N PHE A 74 33.39 -20.90 -12.89
CA PHE A 74 34.77 -20.61 -12.58
C PHE A 74 35.27 -21.53 -11.46
N PRO A 75 36.48 -22.09 -11.65
CA PRO A 75 37.11 -22.97 -10.67
C PRO A 75 37.76 -22.12 -9.57
N LEU A 76 38.28 -22.79 -8.52
CA LEU A 76 39.38 -22.18 -7.78
C LEU A 76 40.61 -22.02 -8.68
N SER A 77 41.19 -20.83 -8.67
CA SER A 77 42.18 -20.44 -9.64
C SER A 77 43.13 -19.46 -8.94
N ASN A 78 44.02 -18.85 -9.73
CA ASN A 78 44.90 -17.77 -9.30
C ASN A 78 44.19 -16.42 -9.35
N GLY A 79 43.00 -16.34 -9.96
CA GLY A 79 42.28 -15.09 -10.02
C GLY A 79 42.21 -14.54 -11.44
N SER A 80 41.51 -13.42 -11.58
CA SER A 80 41.20 -12.94 -12.90
C SER A 80 40.79 -11.47 -12.80
N SER A 81 41.24 -10.74 -13.82
CA SER A 81 40.63 -9.48 -14.22
C SER A 81 39.33 -9.81 -14.95
N GLY A 82 39.45 -10.59 -16.03
CA GLY A 82 38.42 -10.74 -17.03
C GLY A 82 37.02 -10.81 -16.44
N GLY A 83 36.84 -11.74 -15.51
CA GLY A 83 35.53 -12.26 -15.22
C GLY A 83 35.36 -12.52 -13.73
N TRP A 84 34.59 -13.55 -13.45
CA TRP A 84 34.44 -14.00 -12.11
C TRP A 84 35.63 -14.86 -11.73
N SER A 85 35.98 -14.83 -10.46
CA SER A 85 37.11 -15.64 -10.05
C SER A 85 36.90 -16.07 -8.61
N ALA A 86 37.54 -17.17 -8.26
CA ALA A 86 37.55 -17.63 -6.89
C ALA A 86 38.97 -18.04 -6.52
N VAL A 87 39.48 -17.47 -5.43
CA VAL A 87 40.80 -17.81 -4.95
C VAL A 87 40.69 -18.56 -3.62
N LEU A 88 41.33 -19.74 -3.54
CA LEU A 88 41.47 -20.44 -2.27
C LEU A 88 42.56 -19.76 -1.44
N GLN A 89 42.16 -19.05 -0.37
CA GLN A 89 43.11 -18.29 0.44
C GLN A 89 43.78 -19.17 1.51
N ALA A 90 43.04 -20.18 2.00
CA ALA A 90 43.57 -21.08 3.02
C ALA A 90 42.67 -22.30 3.12
N SER A 91 43.28 -23.43 3.44
CA SER A 91 42.54 -24.61 3.87
C SER A 91 42.89 -24.86 5.33
N ASN A 92 41.86 -25.07 6.18
CA ASN A 92 42.06 -25.34 7.59
C ASN A 92 41.15 -26.50 7.92
N GLY A 93 41.73 -27.69 7.95
CA GLY A 93 40.95 -28.89 8.07
C GLY A 93 40.12 -29.08 6.82
N ASN A 94 38.79 -29.19 7.00
CA ASN A 94 37.88 -29.28 5.86
C ASN A 94 37.34 -27.90 5.47
N THR A 95 37.70 -26.82 6.20
CA THR A 95 37.18 -25.49 5.95
C THR A 95 38.05 -24.69 4.97
N LEU A 96 37.42 -24.15 3.91
CA LEU A 96 38.09 -23.35 2.88
C LEU A 96 37.77 -21.88 3.04
N THR A 97 38.79 -21.04 3.24
CA THR A 97 38.64 -19.60 3.15
C THR A 97 38.77 -19.20 1.67
N ILE A 98 37.67 -18.70 1.08
CA ILE A 98 37.60 -18.43 -0.35
C ILE A 98 37.21 -16.96 -0.61
N SER A 99 38.00 -16.33 -1.48
CA SER A 99 37.77 -14.96 -1.93
C SER A 99 37.19 -15.03 -3.33
N ILE A 100 35.95 -14.58 -3.48
CA ILE A 100 35.26 -14.62 -4.76
C ILE A 100 35.14 -13.21 -5.32
N SER A 101 35.31 -13.05 -6.63
CA SER A 101 35.17 -11.72 -7.20
C SER A 101 34.37 -11.74 -8.49
N SER A 102 33.57 -10.67 -8.69
CA SER A 102 32.83 -10.37 -9.90
C SER A 102 33.60 -9.33 -10.69
N PRO A 103 33.41 -9.27 -12.02
CA PRO A 103 34.01 -8.22 -12.86
C PRO A 103 33.24 -6.91 -12.63
N ALA A 104 33.93 -5.81 -12.92
CA ALA A 104 33.45 -4.45 -12.80
C ALA A 104 32.35 -4.18 -13.83
N SER A 105 32.25 -5.08 -14.81
CA SER A 105 31.27 -5.03 -15.87
C SER A 105 30.12 -6.03 -15.69
N ALA A 106 30.05 -6.71 -14.53
CA ALA A 106 28.93 -7.56 -14.25
C ALA A 106 27.62 -6.79 -14.23
N PRO A 107 26.56 -7.41 -14.78
CA PRO A 107 25.20 -6.93 -14.60
C PRO A 107 24.80 -6.94 -13.12
N ILE A 108 24.04 -5.91 -12.72
CA ILE A 108 23.58 -5.83 -11.34
C ILE A 108 22.32 -6.69 -11.21
N GLY A 109 22.00 -7.03 -9.96
CA GLY A 109 20.76 -7.71 -9.68
C GLY A 109 20.93 -8.88 -8.73
N ARG A 110 19.90 -9.71 -8.58
N ARG A 110 19.92 -9.73 -8.70
CA ARG A 110 20.04 -10.88 -7.73
CA ARG A 110 19.86 -10.95 -7.93
C ARG A 110 20.65 -12.02 -8.54
C ARG A 110 20.68 -12.05 -8.61
N TYR A 111 21.62 -12.67 -7.90
CA TYR A 111 22.29 -13.81 -8.44
C TYR A 111 22.03 -15.01 -7.54
N THR A 112 22.11 -16.17 -8.15
CA THR A 112 22.26 -17.44 -7.48
C THR A 112 23.66 -17.98 -7.69
N MET A 113 24.17 -18.61 -6.66
CA MET A 113 25.44 -19.33 -6.75
C MET A 113 25.24 -20.79 -6.36
N ALA A 114 25.85 -21.64 -7.17
CA ALA A 114 25.88 -23.06 -6.94
C ALA A 114 27.32 -23.48 -7.05
N LEU A 115 27.54 -24.74 -6.64
CA LEU A 115 28.81 -25.42 -6.73
C LEU A 115 28.61 -26.79 -7.37
N GLN A 116 29.47 -27.05 -8.35
CA GLN A 116 29.48 -28.27 -9.12
C GLN A 116 30.79 -28.94 -8.74
N ILE A 117 30.71 -30.17 -8.25
CA ILE A 117 31.88 -30.93 -7.82
C ILE A 117 32.09 -32.12 -8.75
N PHE A 118 33.27 -32.22 -9.36
CA PHE A 118 33.66 -33.41 -10.11
C PHE A 118 34.55 -34.29 -9.24
N SER A 119 34.08 -35.52 -9.01
CA SER A 119 34.74 -36.43 -8.10
C SER A 119 34.43 -37.86 -8.51
N GLN A 120 35.42 -38.75 -8.35
CA GLN A 120 35.23 -40.16 -8.63
C GLN A 120 34.38 -40.35 -9.89
N GLY A 121 34.88 -39.87 -11.04
CA GLY A 121 34.15 -39.95 -12.29
C GLY A 121 32.67 -39.68 -12.08
N GLY A 122 32.40 -38.66 -11.26
CA GLY A 122 31.07 -38.27 -10.85
C GLY A 122 30.99 -36.75 -10.69
N ILE A 123 29.77 -36.23 -10.79
CA ILE A 123 29.52 -34.80 -10.71
C ILE A 123 28.37 -34.56 -9.75
N SER A 124 28.59 -33.68 -8.79
CA SER A 124 27.55 -33.16 -7.94
C SER A 124 27.27 -31.70 -8.29
N SER A 125 26.19 -31.17 -7.74
CA SER A 125 25.82 -29.78 -7.90
C SER A 125 24.95 -29.37 -6.72
N VAL A 126 25.25 -28.25 -6.05
CA VAL A 126 24.34 -27.80 -5.00
C VAL A 126 24.22 -26.28 -5.05
N LYS A 127 23.01 -25.80 -4.83
CA LYS A 127 22.75 -24.39 -4.69
C LYS A 127 23.38 -23.94 -3.38
N LEU A 128 24.22 -22.89 -3.45
CA LEU A 128 24.86 -22.37 -2.25
C LEU A 128 24.07 -21.24 -1.63
N GLY A 129 23.34 -20.48 -2.44
CA GLY A 129 22.67 -19.31 -1.90
C GLY A 129 22.43 -18.28 -2.99
N THR A 130 22.00 -17.12 -2.55
CA THR A 130 21.80 -15.98 -3.43
C THR A 130 22.40 -14.72 -2.84
N PHE A 131 22.56 -13.72 -3.72
CA PHE A 131 23.05 -12.45 -3.25
C PHE A 131 22.61 -11.36 -4.24
N ILE A 132 22.76 -10.13 -3.77
CA ILE A 132 22.46 -9.00 -4.62
C ILE A 132 23.78 -8.34 -4.95
N LEU A 133 23.92 -7.93 -6.22
CA LEU A 133 25.10 -7.26 -6.73
C LEU A 133 24.70 -5.90 -7.28
N LEU A 134 25.39 -4.85 -6.80
CA LEU A 134 25.08 -3.47 -7.11
C LEU A 134 26.24 -2.83 -7.86
N PHE A 135 25.97 -1.62 -8.37
CA PHE A 135 27.02 -0.79 -8.91
C PHE A 135 27.98 -0.45 -7.77
N ASN A 136 29.22 -0.11 -8.16
CA ASN A 136 30.27 0.09 -7.17
C ASN A 136 30.94 1.46 -7.35
N PRO A 137 30.32 2.54 -6.84
CA PRO A 137 30.93 3.85 -6.99
C PRO A 137 32.19 4.09 -6.15
N TRP A 138 32.59 3.11 -5.29
CA TRP A 138 33.88 3.13 -4.57
C TRP A 138 35.00 2.58 -5.47
N LEU A 139 34.67 1.91 -6.56
CA LEU A 139 35.68 1.17 -7.34
C LEU A 139 36.09 1.97 -8.58
N ASN A 140 37.39 2.26 -8.72
CA ASN A 140 37.86 3.20 -9.73
C ASN A 140 37.69 2.67 -11.14
N VAL A 141 37.45 1.37 -11.34
CA VAL A 141 37.21 0.87 -12.68
C VAL A 141 35.72 0.73 -12.99
N ASP A 142 34.86 1.07 -12.04
CA ASP A 142 33.43 1.00 -12.31
C ASP A 142 33.07 2.29 -13.06
N SER A 143 32.18 2.18 -14.03
CA SER A 143 31.63 3.32 -14.74
C SER A 143 30.98 4.35 -13.82
N VAL A 144 30.48 3.92 -12.66
CA VAL A 144 29.85 4.86 -11.73
C VAL A 144 30.83 5.41 -10.70
N PHE A 145 32.12 5.11 -10.83
CA PHE A 145 33.10 5.59 -9.86
C PHE A 145 32.95 7.06 -9.54
N MET A 146 32.91 7.31 -8.24
CA MET A 146 32.92 8.68 -7.76
C MET A 146 33.98 8.78 -6.66
N GLY A 147 34.97 9.64 -6.92
CA GLY A 147 36.25 9.56 -6.22
C GLY A 147 36.21 10.21 -4.85
N ASN A 148 35.40 11.25 -4.75
CA ASN A 148 35.32 12.02 -3.52
C ASN A 148 34.47 11.31 -2.47
N HIS A 149 35.03 11.12 -1.27
CA HIS A 149 34.33 10.44 -0.19
C HIS A 149 33.05 11.19 0.22
N ALA A 150 33.08 12.51 0.36
CA ALA A 150 31.92 13.18 0.94
C ALA A 150 30.76 13.23 -0.06
N GLU A 151 31.11 13.36 -1.34
CA GLU A 151 30.14 13.36 -2.42
C GLU A 151 29.48 11.99 -2.57
N ARG A 152 30.29 10.92 -2.53
CA ARG A 152 29.80 9.56 -2.53
C ARG A 152 28.86 9.36 -1.36
N GLU A 153 29.20 9.86 -0.17
CA GLU A 153 28.29 9.72 0.94
C GLU A 153 26.97 10.47 0.69
N GLU A 154 27.02 11.64 0.05
CA GLU A 154 25.81 12.42 -0.15
C GLU A 154 24.98 11.72 -1.23
N TYR A 155 25.67 11.26 -2.27
CA TYR A 155 24.96 10.95 -3.48
C TYR A 155 24.60 9.47 -3.58
N VAL A 156 25.20 8.63 -2.73
CA VAL A 156 24.81 7.23 -2.62
C VAL A 156 24.20 6.88 -1.26
N GLN A 157 24.78 7.39 -0.17
CA GLN A 157 24.50 6.82 1.15
C GLN A 157 23.50 7.65 1.94
N GLU A 158 23.09 8.83 1.45
CA GLU A 158 22.14 9.65 2.20
C GLU A 158 20.70 9.30 1.81
N ASP A 159 19.87 9.03 2.82
CA ASP A 159 18.51 8.59 2.62
C ASP A 159 17.54 9.71 2.99
N ALA A 160 18.07 10.87 3.41
CA ALA A 160 17.24 12.05 3.61
C ALA A 160 17.60 13.08 2.58
N GLY A 161 16.60 13.76 2.05
CA GLY A 161 16.87 14.71 0.97
C GLY A 161 16.00 15.96 1.06
N ILE A 162 16.33 16.88 0.17
CA ILE A 162 15.71 18.18 0.10
C ILE A 162 15.46 18.41 -1.37
N ILE A 163 14.23 18.78 -1.72
CA ILE A 163 13.90 19.12 -3.10
C ILE A 163 13.42 20.57 -3.11
N PHE A 164 14.06 21.36 -3.93
CA PHE A 164 13.67 22.76 -4.10
C PHE A 164 12.42 22.84 -4.95
N VAL A 165 11.48 23.71 -4.51
CA VAL A 165 10.22 23.96 -5.20
C VAL A 165 9.92 25.47 -5.21
N GLY A 166 8.83 25.83 -5.87
CA GLY A 166 8.28 27.18 -5.83
C GLY A 166 8.40 27.88 -7.17
N SER A 167 9.01 29.08 -7.17
CA SER A 167 9.17 29.83 -8.41
C SER A 167 10.44 30.64 -8.31
N THR A 168 10.82 31.27 -9.42
CA THR A 168 11.97 32.14 -9.41
C THR A 168 11.80 33.25 -8.39
N ASN A 169 10.58 33.65 -8.07
CA ASN A 169 10.40 34.67 -7.06
C ASN A 169 10.45 34.14 -5.64
N ARG A 170 10.17 32.84 -5.43
CA ARG A 170 10.15 32.36 -4.07
C ARG A 170 10.48 30.88 -4.07
N ILE A 171 11.73 30.60 -3.73
CA ILE A 171 12.23 29.24 -3.74
C ILE A 171 12.05 28.68 -2.36
N GLY A 172 11.21 27.65 -2.30
CA GLY A 172 11.09 26.91 -1.06
C GLY A 172 11.69 25.52 -1.18
N MET A 173 11.31 24.69 -0.24
CA MET A 173 11.88 23.35 -0.25
C MET A 173 10.91 22.44 0.48
N ILE A 174 10.93 21.17 0.08
CA ILE A 174 10.30 20.15 0.89
C ILE A 174 11.34 19.10 1.27
N GLY A 175 11.10 18.47 2.41
CA GLY A 175 11.85 17.29 2.74
C GLY A 175 11.35 16.09 1.95
N TRP A 176 12.26 15.16 1.68
CA TRP A 176 11.91 13.92 1.05
C TRP A 176 12.69 12.77 1.69
N ASN A 177 11.95 11.76 2.18
CA ASN A 177 12.56 10.55 2.70
C ASN A 177 12.85 9.61 1.54
N PHE A 178 14.10 9.53 1.09
CA PHE A 178 14.43 8.61 0.01
C PHE A 178 14.26 7.18 0.50
N GLY A 179 14.84 6.96 1.68
CA GLY A 179 14.59 5.74 2.44
C GLY A 179 15.06 4.49 1.73
N GLN A 180 16.20 4.55 1.04
CA GLN A 180 16.63 3.41 0.25
C GLN A 180 17.06 2.25 1.16
N PHE A 181 17.30 2.45 2.46
CA PHE A 181 17.77 1.37 3.35
C PHE A 181 16.63 0.68 4.13
N GLU A 182 15.40 1.17 3.92
CA GLU A 182 14.25 0.67 4.65
C GLU A 182 13.91 -0.70 4.08
N GLU A 183 13.20 -1.45 4.91
CA GLU A 183 12.90 -2.83 4.66
C GLU A 183 12.19 -3.01 3.32
N ASP A 184 12.76 -3.87 2.49
CA ASP A 184 12.22 -4.25 1.19
C ASP A 184 12.41 -3.16 0.11
N ILE A 185 12.98 -2.01 0.42
CA ILE A 185 13.02 -0.96 -0.60
C ILE A 185 14.01 -1.35 -1.69
N LEU A 186 15.21 -1.84 -1.31
CA LEU A 186 16.15 -2.29 -2.33
C LEU A 186 15.52 -3.37 -3.21
N SER A 187 14.88 -4.37 -2.61
CA SER A 187 14.28 -5.40 -3.42
C SER A 187 13.20 -4.86 -4.39
N ILE A 188 12.37 -3.90 -3.94
CA ILE A 188 11.38 -3.27 -4.80
C ILE A 188 12.05 -2.47 -5.93
N CYS A 189 13.12 -1.75 -5.65
CA CYS A 189 13.80 -1.02 -6.71
C CYS A 189 14.35 -2.00 -7.73
N LEU A 190 14.85 -3.17 -7.30
CA LEU A 190 15.27 -4.16 -8.27
C LEU A 190 14.06 -4.64 -9.07
N SER A 191 12.89 -4.71 -8.44
CA SER A 191 11.71 -5.20 -9.13
C SER A 191 11.27 -4.26 -10.23
N ILE A 192 11.58 -2.96 -10.13
CA ILE A 192 11.30 -2.02 -11.20
C ILE A 192 11.87 -2.58 -12.50
N LEU A 193 13.12 -3.01 -12.44
CA LEU A 193 13.77 -3.58 -13.61
C LEU A 193 13.05 -4.82 -14.09
N ASP A 194 12.48 -5.62 -13.19
CA ASP A 194 11.81 -6.84 -13.63
C ASP A 194 10.39 -6.59 -14.17
N ARG A 195 9.89 -5.38 -14.02
CA ARG A 195 8.53 -5.04 -14.40
C ARG A 195 8.52 -4.19 -15.63
N SER A 196 9.68 -3.88 -16.18
CA SER A 196 9.73 -3.04 -17.37
C SER A 196 9.20 -3.83 -18.56
N LEU A 197 8.85 -3.09 -19.61
CA LEU A 197 8.46 -3.66 -20.87
C LEU A 197 9.69 -4.34 -21.50
N ASN A 198 10.90 -3.81 -21.27
CA ASN A 198 12.12 -4.44 -21.79
C ASN A 198 12.28 -5.82 -21.19
N PHE A 199 11.94 -5.99 -19.91
CA PHE A 199 12.05 -7.29 -19.29
C PHE A 199 10.97 -8.26 -19.81
N ARG A 200 9.70 -7.84 -19.88
CA ARG A 200 8.64 -8.74 -20.31
C ARG A 200 8.89 -9.21 -21.74
N ARG A 201 9.34 -8.31 -22.59
CA ARG A 201 9.59 -8.54 -24.01
C ARG A 201 10.83 -9.42 -24.26
N ASP A 202 11.91 -9.22 -23.48
CA ASP A 202 13.15 -9.92 -23.77
C ASP A 202 14.07 -9.89 -22.56
N ALA A 203 13.68 -10.65 -21.54
CA ALA A 203 14.35 -10.71 -20.26
C ALA A 203 15.84 -11.00 -20.40
N ALA A 204 16.24 -11.90 -21.32
CA ALA A 204 17.66 -12.24 -21.42
C ALA A 204 18.48 -11.03 -21.83
N THR A 205 17.97 -10.23 -22.78
CA THR A 205 18.67 -9.02 -23.20
C THR A 205 18.61 -7.98 -22.08
N ASP A 206 17.44 -7.89 -21.45
CA ASP A 206 17.25 -6.89 -20.41
C ASP A 206 18.26 -7.17 -19.31
N VAL A 207 18.36 -8.42 -18.84
CA VAL A 207 19.22 -8.67 -17.68
C VAL A 207 20.66 -8.40 -18.03
N ALA A 208 21.06 -8.85 -19.22
CA ALA A 208 22.42 -8.70 -19.69
C ALA A 208 22.80 -7.23 -19.79
N SER A 209 21.80 -6.39 -20.08
CA SER A 209 21.99 -4.95 -20.18
C SER A 209 22.16 -4.24 -18.82
N ARG A 210 21.96 -4.92 -17.68
CA ARG A 210 21.99 -4.25 -16.38
C ARG A 210 23.43 -4.05 -15.88
N ASN A 211 24.40 -4.29 -16.76
CA ASN A 211 25.76 -3.96 -16.46
C ASN A 211 26.01 -2.50 -16.80
N ASP A 212 25.08 -1.90 -17.50
CA ASP A 212 25.34 -0.57 -18.02
C ASP A 212 24.46 0.45 -17.26
N PRO A 213 25.02 1.43 -16.50
CA PRO A 213 24.20 2.42 -15.78
C PRO A 213 23.40 3.31 -16.73
N LYS A 214 23.84 3.45 -17.98
CA LYS A 214 23.02 4.19 -18.94
C LYS A 214 21.69 3.46 -19.19
N TYR A 215 21.75 2.13 -19.29
CA TYR A 215 20.57 1.31 -19.50
C TYR A 215 19.71 1.28 -18.22
N VAL A 216 20.33 1.01 -17.06
CA VAL A 216 19.55 0.91 -15.85
C VAL A 216 18.85 2.25 -15.56
N GLY A 217 19.59 3.36 -15.61
CA GLY A 217 19.00 4.68 -15.40
C GLY A 217 17.84 4.97 -16.37
N ARG A 218 18.01 4.55 -17.60
CA ARG A 218 16.95 4.77 -18.59
C ARG A 218 15.70 3.95 -18.30
N VAL A 219 15.86 2.67 -17.96
CA VAL A 219 14.72 1.82 -17.64
C VAL A 219 14.06 2.29 -16.35
N LEU A 220 14.89 2.61 -15.36
CA LEU A 220 14.35 3.10 -14.10
C LEU A 220 13.55 4.37 -14.35
N SER A 221 14.14 5.34 -15.06
CA SER A 221 13.47 6.60 -15.22
C SER A 221 12.13 6.40 -15.95
N ALA A 222 12.07 5.42 -16.85
CA ALA A 222 10.87 5.19 -17.64
C ALA A 222 9.73 4.62 -16.80
N MET A 223 10.08 3.87 -15.74
CA MET A 223 9.09 3.13 -14.99
C MET A 223 8.35 3.98 -13.94
N ILE A 224 8.83 5.18 -13.59
CA ILE A 224 8.36 5.85 -12.39
C ILE A 224 7.03 6.55 -12.65
N ASN A 225 6.96 7.31 -13.75
CA ASN A 225 5.73 7.89 -14.23
C ASN A 225 5.09 6.94 -15.25
N SER A 226 4.03 6.26 -14.75
CA SER A 226 3.40 5.17 -15.46
C SER A 226 2.79 5.69 -16.75
N ASN A 227 3.20 5.08 -17.86
CA ASN A 227 2.72 5.39 -19.19
C ASN A 227 1.78 4.30 -19.67
N ASP A 228 1.61 3.29 -18.85
CA ASP A 228 0.67 2.22 -19.13
C ASP A 228 0.03 1.92 -17.79
N ASP A 229 -0.18 0.65 -17.52
CA ASP A 229 -0.70 0.27 -16.22
C ASP A 229 0.39 -0.40 -15.39
N ASN A 230 1.67 -0.18 -15.73
CA ASN A 230 2.74 -0.91 -15.06
C ASN A 230 3.71 -0.06 -14.24
N GLY A 231 3.74 1.25 -14.44
CA GLY A 231 4.71 2.08 -13.75
C GLY A 231 4.33 2.29 -12.28
N VAL A 232 5.20 3.00 -11.56
CA VAL A 232 5.09 3.18 -10.13
C VAL A 232 4.01 4.19 -9.77
N LEU A 233 4.01 5.37 -10.42
CA LEU A 233 3.08 6.42 -10.05
C LEU A 233 2.20 6.84 -11.23
N ALA A 234 0.93 7.11 -10.94
CA ALA A 234 -0.01 7.77 -11.84
C ALA A 234 0.12 9.29 -11.71
N GLY A 235 0.54 9.90 -12.81
CA GLY A 235 0.68 11.34 -12.89
C GLY A 235 -0.65 12.03 -13.05
N ASN A 236 -0.76 13.23 -12.52
CA ASN A 236 -2.02 13.95 -12.44
C ASN A 236 -1.71 15.40 -12.12
N TRP A 237 -1.96 16.30 -13.08
CA TRP A 237 -1.75 17.73 -12.85
C TRP A 237 -3.07 18.49 -13.01
N SER A 238 -4.17 17.84 -12.62
CA SER A 238 -5.52 18.30 -12.93
C SER A 238 -6.04 19.17 -11.79
N GLY A 239 -5.44 19.12 -10.61
CA GLY A 239 -6.10 19.73 -9.45
C GLY A 239 -7.16 18.82 -8.82
N THR A 240 -7.52 17.71 -9.48
CA THR A 240 -8.55 16.82 -8.93
C THR A 240 -7.98 15.43 -8.69
N TYR A 241 -7.90 15.02 -7.43
CA TYR A 241 -7.13 13.84 -7.01
C TYR A 241 -8.05 12.78 -6.41
N THR A 242 -9.30 12.76 -6.90
CA THR A 242 -10.25 11.73 -6.49
C THR A 242 -9.65 10.36 -6.79
N GLY A 243 -9.86 9.41 -5.85
CA GLY A 243 -9.37 8.06 -6.01
C GLY A 243 -7.94 7.93 -5.50
N GLY A 244 -7.37 9.01 -4.92
CA GLY A 244 -5.94 8.97 -4.63
C GLY A 244 -5.49 10.01 -3.63
N ARG A 245 -4.19 10.12 -3.55
CA ARG A 245 -3.52 11.06 -2.66
C ARG A 245 -3.15 12.27 -3.50
N ASP A 246 -3.42 13.45 -2.95
CA ASP A 246 -2.86 14.69 -3.48
C ASP A 246 -1.33 14.52 -3.61
N PRO A 247 -0.72 14.83 -4.77
CA PRO A 247 0.72 14.62 -4.95
C PRO A 247 1.58 15.29 -3.89
N ARG A 248 1.02 16.35 -3.30
CA ARG A 248 1.75 17.12 -2.33
C ARG A 248 1.73 16.47 -0.96
N SER A 249 0.88 15.45 -0.77
CA SER A 249 0.79 14.84 0.55
C SER A 249 1.87 13.78 0.81
N TRP A 250 2.56 13.30 -0.24
CA TRP A 250 3.65 12.34 -0.07
C TRP A 250 4.81 13.08 0.61
N ASN A 251 5.53 12.37 1.49
CA ASN A 251 6.76 12.85 2.08
C ASN A 251 7.98 12.00 1.68
N GLY A 252 7.81 10.92 0.92
CA GLY A 252 8.96 10.10 0.60
C GLY A 252 8.66 9.01 -0.40
N SER A 253 9.72 8.26 -0.74
CA SER A 253 9.58 7.24 -1.76
C SER A 253 9.06 5.93 -1.15
N VAL A 254 9.14 5.83 0.18
CA VAL A 254 9.01 4.52 0.82
C VAL A 254 7.60 4.02 0.68
N GLU A 255 6.67 4.87 1.12
CA GLU A 255 5.26 4.55 1.06
C GLU A 255 4.82 4.25 -0.37
N ILE A 256 5.29 5.05 -1.31
CA ILE A 256 4.98 4.87 -2.69
C ILE A 256 5.46 3.52 -3.19
N LEU A 257 6.73 3.20 -2.92
CA LEU A 257 7.29 1.99 -3.51
C LEU A 257 6.64 0.76 -2.86
N LYS A 258 6.35 0.82 -1.57
CA LYS A 258 5.68 -0.29 -0.91
C LYS A 258 4.26 -0.49 -1.47
N ASN A 259 3.53 0.59 -1.69
CA ASN A 259 2.14 0.53 -2.13
C ASN A 259 2.09 -0.06 -3.54
N TRP A 260 3.10 0.33 -4.32
CA TRP A 260 3.27 -0.14 -5.68
C TRP A 260 3.42 -1.64 -5.64
N LYS A 261 4.45 -2.08 -4.93
CA LYS A 261 4.67 -3.52 -4.87
C LYS A 261 3.43 -4.31 -4.41
N LYS A 262 2.88 -3.90 -3.27
CA LYS A 262 1.87 -4.66 -2.55
C LYS A 262 0.56 -4.68 -3.31
N SER A 263 0.36 -3.72 -4.22
CA SER A 263 -0.81 -3.65 -5.06
C SER A 263 -0.67 -4.53 -6.30
N GLY A 264 0.41 -5.33 -6.36
CA GLY A 264 0.70 -6.10 -7.55
C GLY A 264 1.39 -5.28 -8.64
N PHE A 265 2.21 -4.28 -8.25
CA PHE A 265 2.95 -3.43 -9.16
C PHE A 265 1.95 -2.63 -10.01
N SER A 266 0.94 -2.11 -9.34
CA SER A 266 -0.07 -1.29 -9.97
C SER A 266 0.18 0.17 -9.61
N PRO A 267 -0.05 1.14 -10.53
CA PRO A 267 0.34 2.51 -10.28
C PRO A 267 -0.31 3.11 -9.03
N VAL A 268 0.48 3.87 -8.29
CA VAL A 268 0.07 4.58 -7.09
C VAL A 268 -0.43 5.98 -7.47
N ARG A 269 -1.52 6.39 -6.85
CA ARG A 269 -2.23 7.59 -7.28
C ARG A 269 -2.08 8.65 -6.22
N TYR A 270 -1.46 9.80 -6.51
CA TYR A 270 -1.05 10.33 -7.79
C TYR A 270 0.26 11.08 -7.54
N GLY A 271 1.08 11.21 -8.59
CA GLY A 271 2.32 11.94 -8.51
C GLY A 271 2.35 13.11 -9.49
N GLN A 272 3.29 14.03 -9.19
CA GLN A 272 3.76 15.08 -10.11
C GLN A 272 5.30 15.00 -10.12
N CYS A 273 5.99 15.99 -10.73
CA CYS A 273 7.34 15.73 -11.19
C CYS A 273 8.30 15.46 -10.00
N TRP A 274 8.14 16.14 -8.85
CA TRP A 274 9.13 15.98 -7.78
C TRP A 274 8.88 14.62 -7.10
N VAL A 275 7.65 14.13 -7.21
CA VAL A 275 7.30 12.84 -6.63
C VAL A 275 8.03 11.79 -7.45
N PHE A 276 7.99 11.91 -8.78
CA PHE A 276 8.77 10.99 -9.60
C PHE A 276 10.27 11.11 -9.30
N ALA A 277 10.80 12.33 -9.24
CA ALA A 277 12.25 12.52 -9.01
C ALA A 277 12.69 11.94 -7.68
N GLY A 278 11.92 12.16 -6.62
CA GLY A 278 12.32 11.62 -5.33
C GLY A 278 12.36 10.11 -5.36
N THR A 279 11.42 9.50 -6.08
CA THR A 279 11.27 8.06 -6.13
C THR A 279 12.41 7.47 -6.96
N LEU A 280 12.67 8.13 -8.12
CA LEU A 280 13.73 7.70 -9.01
C LEU A 280 15.05 7.83 -8.26
N ASN A 281 15.15 8.86 -7.39
CA ASN A 281 16.40 9.01 -6.67
C ASN A 281 16.62 7.84 -5.70
N THR A 282 15.56 7.38 -5.03
CA THR A 282 15.70 6.20 -4.20
C THR A 282 16.26 5.02 -4.99
N ALA A 283 15.59 4.71 -6.13
CA ALA A 283 16.04 3.61 -6.97
C ALA A 283 17.50 3.73 -7.37
N LEU A 284 17.89 4.92 -7.89
CA LEU A 284 19.27 5.04 -8.34
C LEU A 284 20.25 4.85 -7.19
N ARG A 285 20.00 5.49 -6.04
CA ARG A 285 20.97 5.37 -4.96
C ARG A 285 21.02 3.96 -4.39
N SER A 286 19.86 3.31 -4.42
CA SER A 286 19.76 1.98 -3.86
C SER A 286 20.58 1.01 -4.74
N LEU A 287 20.60 1.22 -6.06
CA LEU A 287 21.32 0.33 -6.98
C LEU A 287 22.77 0.74 -7.15
N GLY A 288 23.15 1.91 -6.61
CA GLY A 288 24.56 2.27 -6.53
C GLY A 288 24.99 3.28 -7.61
N ILE A 289 24.02 3.89 -8.26
CA ILE A 289 24.30 4.97 -9.18
C ILE A 289 24.23 6.24 -8.39
N PRO A 290 25.35 6.94 -8.16
CA PRO A 290 25.30 8.16 -7.38
C PRO A 290 24.32 9.09 -8.10
N SER A 291 23.50 9.86 -7.37
CA SER A 291 22.41 10.60 -7.97
C SER A 291 21.95 11.69 -7.03
N ARG A 292 21.24 12.66 -7.62
CA ARG A 292 20.72 13.80 -6.89
C ARG A 292 19.56 14.38 -7.68
N VAL A 293 18.76 15.17 -6.97
CA VAL A 293 17.54 15.75 -7.47
C VAL A 293 17.83 17.21 -7.86
N ILE A 294 17.32 17.63 -9.00
CA ILE A 294 17.63 18.94 -9.58
C ILE A 294 16.30 19.59 -9.83
N THR A 295 16.17 20.85 -9.43
CA THR A 295 14.98 21.60 -9.77
C THR A 295 15.39 22.72 -10.71
N ASN A 296 14.62 22.85 -11.77
CA ASN A 296 14.77 23.95 -12.69
C ASN A 296 13.59 24.90 -12.49
N PHE A 297 13.85 26.22 -12.34
CA PHE A 297 12.77 27.21 -12.35
C PHE A 297 12.54 27.84 -13.72
N ASN A 298 11.24 28.01 -14.01
CA ASN A 298 10.72 28.35 -15.34
C ASN A 298 11.28 27.34 -16.34
N SER A 299 10.67 26.15 -16.38
CA SER A 299 11.17 25.02 -17.14
C SER A 299 10.29 24.84 -18.36
N ALA A 300 10.87 24.88 -19.56
CA ALA A 300 10.05 24.95 -20.75
C ALA A 300 9.77 23.56 -21.30
N HIS A 301 8.51 23.37 -21.76
CA HIS A 301 8.07 22.15 -22.41
C HIS A 301 7.97 22.38 -23.92
N ASP A 302 9.09 22.15 -24.62
CA ASP A 302 9.21 22.26 -26.07
C ASP A 302 9.45 20.87 -26.64
N THR A 303 8.43 20.25 -27.24
CA THR A 303 8.63 18.94 -27.86
C THR A 303 8.83 19.10 -29.36
N ASP A 304 8.84 20.36 -29.85
CA ASP A 304 8.85 20.68 -31.28
C ASP A 304 10.26 21.00 -31.79
N ARG A 305 11.27 20.97 -30.92
CA ARG A 305 12.60 21.44 -31.28
C ARG A 305 12.51 22.79 -32.01
N ASN A 306 11.89 23.77 -31.33
CA ASN A 306 11.93 25.16 -31.78
C ASN A 306 13.00 25.92 -31.03
N LEU A 307 13.41 25.36 -29.88
CA LEU A 307 14.00 26.09 -28.76
C LEU A 307 13.13 27.32 -28.41
N SER A 308 11.83 27.21 -28.61
CA SER A 308 10.90 28.22 -28.17
C SER A 308 9.57 27.58 -27.82
N VAL A 309 8.89 28.18 -26.87
CA VAL A 309 7.53 27.79 -26.53
C VAL A 309 6.58 28.97 -26.77
N ASP A 310 5.28 28.71 -26.87
CA ASP A 310 4.30 29.76 -27.09
C ASP A 310 3.34 29.83 -25.91
N VAL A 311 2.99 31.04 -25.47
CA VAL A 311 1.94 31.23 -24.49
C VAL A 311 0.93 32.24 -25.03
N TYR A 312 -0.33 31.92 -24.81
CA TYR A 312 -1.46 32.61 -25.39
C TYR A 312 -2.24 33.32 -24.30
N TYR A 313 -2.62 34.55 -24.63
CA TYR A 313 -3.53 35.36 -23.84
C TYR A 313 -4.65 35.91 -24.73
N ASP A 314 -5.79 36.26 -24.11
CA ASP A 314 -6.79 37.05 -24.80
C ASP A 314 -6.74 38.52 -24.37
N PRO A 315 -7.43 39.39 -25.14
CA PRO A 315 -7.35 40.83 -24.90
C PRO A 315 -8.02 41.22 -23.59
N MET A 316 -8.85 40.34 -23.01
CA MET A 316 -9.51 40.55 -21.74
C MET A 316 -8.64 40.07 -20.58
N GLY A 317 -7.47 39.54 -20.91
CA GLY A 317 -6.45 39.32 -19.90
C GLY A 317 -6.53 37.93 -19.29
N ASN A 318 -7.23 37.04 -19.97
CA ASN A 318 -7.21 35.66 -19.53
C ASN A 318 -6.01 35.00 -20.17
N PRO A 319 -5.31 34.17 -19.38
CA PRO A 319 -4.42 33.16 -19.95
C PRO A 319 -5.32 32.24 -20.76
N LEU A 320 -4.86 31.80 -21.93
CA LEU A 320 -5.58 30.75 -22.62
C LEU A 320 -4.91 29.40 -22.37
N ASP A 321 -5.66 28.35 -22.72
CA ASP A 321 -5.21 27.00 -22.41
C ASP A 321 -3.97 26.68 -23.24
N LYS A 322 -3.93 27.14 -24.48
CA LYS A 322 -2.78 26.92 -25.34
C LYS A 322 -1.59 27.64 -24.73
N GLY A 323 -0.61 26.82 -24.29
CA GLY A 323 0.66 27.30 -23.78
C GLY A 323 0.62 27.68 -22.29
N SER A 324 -0.51 27.45 -21.62
CA SER A 324 -0.61 27.82 -20.22
C SER A 324 0.38 27.00 -19.38
N ASP A 325 0.77 25.84 -19.90
CA ASP A 325 1.75 25.00 -19.21
C ASP A 325 3.01 24.78 -20.04
N SER A 326 3.35 25.74 -20.90
CA SER A 326 4.59 25.72 -21.67
C SER A 326 5.81 25.94 -20.78
N VAL A 327 5.63 26.68 -19.67
CA VAL A 327 6.75 27.06 -18.82
C VAL A 327 6.34 26.73 -17.40
N TRP A 328 6.82 25.61 -16.85
CA TRP A 328 6.47 25.25 -15.50
C TRP A 328 7.19 26.20 -14.55
N ASN A 329 6.53 26.60 -13.48
CA ASN A 329 7.17 27.39 -12.45
C ASN A 329 8.43 26.70 -11.94
N PHE A 330 8.31 25.38 -11.72
CA PHE A 330 9.49 24.56 -11.47
C PHE A 330 9.26 23.20 -12.10
N HIS A 331 10.36 22.47 -12.33
CA HIS A 331 10.30 21.14 -12.83
C HIS A 331 11.52 20.42 -12.25
N VAL A 332 11.28 19.22 -11.75
CA VAL A 332 12.28 18.50 -10.99
C VAL A 332 12.70 17.30 -11.80
N TRP A 333 14.01 17.11 -11.89
CA TRP A 333 14.49 15.86 -12.48
C TRP A 333 15.64 15.31 -11.64
N ASN A 334 16.41 14.41 -12.23
CA ASN A 334 17.48 13.77 -11.52
C ASN A 334 18.75 13.84 -12.35
N GLU A 335 19.90 13.79 -11.62
CA GLU A 335 21.14 13.49 -12.28
C GLU A 335 21.74 12.22 -11.67
N GLY A 336 22.31 11.40 -12.55
CA GLY A 336 23.12 10.27 -12.14
C GLY A 336 24.57 10.44 -12.61
N TRP A 337 25.49 9.75 -11.92
CA TRP A 337 26.90 9.94 -12.11
C TRP A 337 27.51 8.69 -12.74
N PHE A 338 27.93 8.80 -14.01
CA PHE A 338 28.66 7.72 -14.68
C PHE A 338 29.36 8.21 -15.93
N VAL A 339 30.34 7.44 -16.38
CA VAL A 339 30.95 7.69 -17.68
C VAL A 339 30.01 7.24 -18.80
N ARG A 340 30.26 7.88 -19.92
CA ARG A 340 29.51 7.68 -21.13
C ARG A 340 30.48 7.14 -22.17
N SER A 341 30.65 5.81 -22.13
CA SER A 341 31.42 5.06 -23.12
C SER A 341 30.88 5.30 -24.51
N ASP A 342 29.60 5.65 -24.64
CA ASP A 342 28.94 5.81 -25.92
C ASP A 342 29.28 7.19 -26.52
N LEU A 343 29.77 8.13 -25.68
CA LEU A 343 29.91 9.53 -26.05
C LEU A 343 31.39 9.93 -26.05
N GLY A 344 32.11 9.48 -25.01
CA GLY A 344 33.54 9.62 -24.93
C GLY A 344 33.95 10.27 -23.63
N PRO A 345 35.26 10.40 -23.40
CA PRO A 345 35.78 10.81 -22.10
C PRO A 345 35.30 12.16 -21.56
N SER A 346 34.97 13.11 -22.45
CA SER A 346 34.61 14.44 -21.97
C SER A 346 33.14 14.58 -21.58
N TYR A 347 32.30 13.56 -21.84
CA TYR A 347 30.87 13.66 -21.54
C TYR A 347 30.43 12.87 -20.30
N GLY A 348 31.41 12.41 -19.50
CA GLY A 348 31.15 11.69 -18.27
C GLY A 348 30.68 12.66 -17.18
N GLY A 349 30.45 12.11 -15.98
CA GLY A 349 29.95 12.88 -14.85
C GLY A 349 28.42 12.88 -14.82
N TRP A 350 27.80 14.04 -14.56
CA TRP A 350 26.39 14.08 -14.25
C TRP A 350 25.60 13.93 -15.54
N GLN A 351 24.57 13.07 -15.48
CA GLN A 351 23.71 12.73 -16.62
C GLN A 351 22.25 12.96 -16.22
N VAL A 352 21.51 13.76 -17.00
CA VAL A 352 20.11 14.05 -16.70
C VAL A 352 19.27 12.81 -16.93
N LEU A 353 18.47 12.45 -15.92
CA LEU A 353 17.45 11.40 -16.03
C LEU A 353 16.16 12.03 -15.52
N ASP A 354 15.10 12.02 -16.35
CA ASP A 354 13.85 12.73 -16.06
C ASP A 354 12.75 11.70 -16.27
N ALA A 355 12.08 11.30 -15.17
CA ALA A 355 10.98 10.36 -15.26
C ALA A 355 9.71 11.02 -15.82
N THR A 356 9.63 12.35 -15.76
CA THR A 356 8.36 13.03 -16.00
C THR A 356 7.90 12.90 -17.46
N PRO A 357 8.72 13.27 -18.48
CA PRO A 357 8.24 13.31 -19.87
C PRO A 357 7.65 12.02 -20.44
N GLN A 358 6.52 12.23 -21.09
CA GLN A 358 5.92 11.22 -21.92
C GLN A 358 5.49 11.86 -23.22
N GLU A 359 6.03 11.36 -24.34
CA GLU A 359 5.51 11.69 -25.64
C GLU A 359 5.42 10.36 -26.38
N ARG A 360 4.23 9.75 -26.32
CA ARG A 360 4.01 8.43 -26.87
C ARG A 360 4.24 8.44 -28.38
N SER A 361 3.93 9.57 -29.04
CA SER A 361 4.10 9.69 -30.48
C SER A 361 5.56 9.51 -30.89
N GLN A 362 6.49 9.87 -30.00
CA GLN A 362 7.92 9.74 -30.29
C GLN A 362 8.57 8.63 -29.45
N GLY A 363 7.80 7.76 -28.79
CA GLY A 363 8.39 6.68 -28.00
C GLY A 363 9.13 7.19 -26.74
N VAL A 364 8.75 8.35 -26.17
CA VAL A 364 9.47 8.80 -25.00
C VAL A 364 8.59 8.53 -23.77
N PHE A 365 9.16 7.70 -22.89
CA PHE A 365 8.58 7.32 -21.62
C PHE A 365 9.41 7.90 -20.47
N GLN A 366 10.43 8.71 -20.85
CA GLN A 366 11.33 9.41 -19.94
C GLN A 366 12.39 10.15 -20.77
N CYS A 367 13.21 11.00 -20.13
CA CYS A 367 14.33 11.55 -20.88
C CYS A 367 15.69 11.21 -20.25
N GLY A 368 16.65 10.88 -21.12
CA GLY A 368 18.04 10.73 -20.73
C GLY A 368 18.55 9.29 -20.82
N PRO A 369 19.80 9.03 -20.45
CA PRO A 369 20.72 10.02 -19.86
C PRO A 369 21.31 11.01 -20.84
N ALA A 370 21.25 12.28 -20.44
CA ALA A 370 21.80 13.41 -21.19
C ALA A 370 22.98 14.03 -20.43
N SER A 371 24.16 13.94 -21.01
CA SER A 371 25.36 14.52 -20.42
C SER A 371 25.12 16.02 -20.18
N VAL A 372 25.26 16.44 -18.92
CA VAL A 372 25.09 17.83 -18.58
C VAL A 372 26.17 18.64 -19.31
N ILE A 373 27.39 18.07 -19.39
CA ILE A 373 28.46 18.70 -20.13
C ILE A 373 27.99 19.02 -21.52
N GLY A 374 27.31 18.04 -22.12
CA GLY A 374 26.87 18.07 -23.49
C GLY A 374 25.75 19.08 -23.67
N VAL A 375 24.87 19.18 -22.66
CA VAL A 375 23.78 20.13 -22.70
C VAL A 375 24.37 21.54 -22.77
N ARG A 376 25.41 21.77 -21.97
CA ARG A 376 25.97 23.07 -21.74
C ARG A 376 26.75 23.57 -22.96
N GLU A 377 27.28 22.64 -23.75
CA GLU A 377 27.98 22.95 -24.98
C GLU A 377 27.05 22.86 -26.19
N GLY A 378 25.79 22.46 -25.97
CA GLY A 378 24.82 22.36 -27.05
C GLY A 378 25.11 21.23 -28.03
N ASP A 379 25.71 20.14 -27.54
CA ASP A 379 25.99 18.98 -28.35
C ASP A 379 24.74 18.09 -28.43
N VAL A 380 23.67 18.63 -29.02
CA VAL A 380 22.34 18.09 -28.84
C VAL A 380 22.07 16.97 -29.82
N GLN A 381 23.06 16.65 -30.64
CA GLN A 381 22.94 15.46 -31.47
C GLN A 381 23.27 14.21 -30.63
N LEU A 382 23.88 14.37 -29.45
CA LEU A 382 24.26 13.18 -28.68
C LEU A 382 23.06 12.55 -27.94
N ASN A 383 23.05 11.21 -27.91
CA ASN A 383 22.07 10.47 -27.13
C ASN A 383 22.16 10.89 -25.67
N PHE A 384 21.04 11.09 -24.93
CA PHE A 384 19.65 10.81 -25.24
C PHE A 384 18.78 12.02 -24.85
N ASP A 385 17.78 12.36 -25.69
CA ASP A 385 16.77 13.37 -25.36
C ASP A 385 17.36 14.76 -25.09
N MET A 386 18.45 15.07 -25.78
CA MET A 386 19.10 16.33 -25.49
C MET A 386 18.34 17.55 -26.01
N PRO A 387 17.75 17.52 -27.21
CA PRO A 387 17.01 18.71 -27.69
C PRO A 387 15.93 19.15 -26.72
N PHE A 388 15.15 18.19 -26.16
CA PHE A 388 14.15 18.49 -25.15
C PHE A 388 14.82 19.04 -23.87
N ILE A 389 15.92 18.43 -23.43
CA ILE A 389 16.52 18.86 -22.19
C ILE A 389 17.17 20.24 -22.36
N PHE A 390 17.87 20.43 -23.46
CA PHE A 390 18.47 21.72 -23.78
C PHE A 390 17.41 22.82 -23.74
N ALA A 391 16.27 22.54 -24.36
CA ALA A 391 15.19 23.49 -24.44
C ALA A 391 14.63 23.82 -23.05
N GLU A 392 14.54 22.79 -22.18
CA GLU A 392 13.98 23.00 -20.87
C GLU A 392 14.67 24.15 -20.18
N VAL A 393 15.97 24.25 -20.41
CA VAL A 393 16.74 25.27 -19.71
C VAL A 393 17.08 26.44 -20.66
N ASN A 394 16.78 26.39 -21.96
CA ASN A 394 17.28 27.42 -22.86
C ASN A 394 16.20 28.14 -23.66
N ALA A 395 14.99 27.59 -23.81
CA ALA A 395 14.02 28.09 -24.77
C ALA A 395 13.74 29.58 -24.61
N ASP A 396 13.35 30.15 -25.76
CA ASP A 396 12.65 31.44 -25.85
C ASP A 396 11.16 31.27 -25.56
N ARG A 397 10.57 32.32 -24.98
CA ARG A 397 9.15 32.42 -24.63
C ARG A 397 8.50 33.43 -25.59
N ILE A 398 7.55 32.95 -26.40
CA ILE A 398 6.80 33.75 -27.34
C ILE A 398 5.36 33.87 -26.86
N THR A 399 4.95 35.12 -26.59
CA THR A 399 3.62 35.49 -26.12
C THR A 399 2.76 35.90 -27.31
N TRP A 400 1.57 35.28 -27.41
CA TRP A 400 0.59 35.53 -28.44
C TRP A 400 -0.69 36.08 -27.81
N LEU A 401 -1.32 37.03 -28.52
CA LEU A 401 -2.70 37.38 -28.29
C LEU A 401 -3.57 36.61 -29.26
N TYR A 402 -4.71 36.14 -28.77
CA TYR A 402 -5.69 35.47 -29.60
C TYR A 402 -7.06 36.01 -29.22
N ASP A 403 -7.81 36.43 -30.24
CA ASP A 403 -9.09 37.12 -30.04
C ASP A 403 -10.15 36.23 -30.68
N ASN A 404 -10.89 35.54 -29.79
CA ASN A 404 -11.92 34.56 -30.10
C ASN A 404 -13.11 35.14 -30.87
N THR A 405 -13.35 36.46 -30.78
CA THR A 405 -14.48 37.08 -31.46
C THR A 405 -14.19 37.20 -32.95
N THR A 406 -12.95 37.58 -33.28
CA THR A 406 -12.50 37.77 -34.65
C THR A 406 -11.68 36.59 -35.13
N GLY A 407 -11.31 35.67 -34.23
CA GLY A 407 -10.40 34.59 -34.56
C GLY A 407 -9.03 35.05 -35.03
N LYS A 408 -8.58 36.24 -34.63
CA LYS A 408 -7.26 36.69 -35.03
C LYS A 408 -6.21 36.35 -33.96
N GLN A 409 -5.03 35.90 -34.41
CA GLN A 409 -3.86 35.64 -33.59
C GLN A 409 -2.72 36.60 -33.96
N TRP A 410 -2.02 37.18 -32.97
CA TRP A 410 -0.84 37.99 -33.27
C TRP A 410 0.25 37.87 -32.20
N LYS A 411 1.50 37.86 -32.68
CA LYS A 411 2.65 37.70 -31.81
C LYS A 411 2.94 38.99 -31.08
N ASN A 412 3.00 38.91 -29.75
CA ASN A 412 3.12 40.09 -28.91
C ASN A 412 4.58 40.33 -28.57
N SER A 413 5.31 39.31 -28.08
CA SER A 413 6.69 39.48 -27.67
C SER A 413 7.46 38.16 -27.70
N VAL A 414 8.76 38.26 -27.91
CA VAL A 414 9.68 37.14 -27.79
C VAL A 414 10.61 37.48 -26.63
N ASN A 415 10.77 36.57 -25.65
CA ASN A 415 11.60 36.85 -24.50
C ASN A 415 12.57 35.71 -24.26
N SER A 416 13.85 36.06 -24.28
CA SER A 416 14.91 35.11 -24.09
C SER A 416 15.37 35.24 -22.64
N HIS A 417 16.18 34.34 -22.12
CA HIS A 417 16.61 34.54 -20.74
C HIS A 417 15.49 34.51 -19.69
N THR A 418 14.28 33.97 -19.97
CA THR A 418 13.30 33.84 -18.89
C THR A 418 13.29 32.40 -18.36
N ILE A 419 13.79 31.45 -19.14
CA ILE A 419 13.61 30.05 -18.85
C ILE A 419 14.93 29.49 -18.36
N GLY A 420 14.87 28.52 -17.42
CA GLY A 420 16.06 27.85 -16.90
C GLY A 420 16.76 28.71 -15.87
N ARG A 421 16.15 28.90 -14.71
CA ARG A 421 16.73 29.80 -13.73
C ARG A 421 16.91 29.12 -12.38
N TYR A 422 17.93 29.55 -11.62
CA TYR A 422 18.13 29.07 -10.27
C TYR A 422 18.03 27.53 -10.20
N ILE A 423 18.76 26.87 -11.11
CA ILE A 423 18.83 25.43 -11.16
C ILE A 423 19.52 25.02 -9.88
N SER A 424 18.82 24.18 -9.11
CA SER A 424 19.11 23.99 -7.70
C SER A 424 19.18 22.50 -7.36
N THR A 425 20.11 22.18 -6.46
CA THR A 425 20.15 20.88 -5.80
C THR A 425 20.64 21.07 -4.37
N LYS A 426 20.38 20.07 -3.52
CA LYS A 426 20.79 20.11 -2.13
C LYS A 426 22.32 20.08 -2.04
N ALA A 427 22.88 20.84 -1.10
CA ALA A 427 24.32 20.85 -0.89
C ALA A 427 24.75 19.53 -0.27
N VAL A 428 26.02 19.25 -0.45
CA VAL A 428 26.62 18.10 0.18
C VAL A 428 26.76 18.36 1.66
N GLY A 429 26.09 17.54 2.47
CA GLY A 429 26.28 17.56 3.90
C GLY A 429 25.38 18.57 4.59
N SER A 430 24.54 19.30 3.85
CA SER A 430 23.64 20.25 4.52
C SER A 430 22.38 20.46 3.69
N ASN A 431 21.41 21.18 4.27
CA ASN A 431 20.21 21.57 3.58
C ASN A 431 20.34 22.81 2.70
N ALA A 432 21.52 23.40 2.56
CA ALA A 432 21.63 24.60 1.75
C ALA A 432 21.34 24.31 0.27
N ARG A 433 20.97 25.37 -0.42
CA ARG A 433 20.65 25.30 -1.83
C ARG A 433 21.95 25.50 -2.55
N MET A 434 22.36 24.52 -3.34
CA MET A 434 23.49 24.68 -4.22
C MET A 434 22.94 25.07 -5.58
N ASP A 435 23.36 26.23 -6.11
CA ASP A 435 22.96 26.61 -7.45
C ASP A 435 23.88 25.95 -8.47
N VAL A 436 23.29 25.23 -9.42
CA VAL A 436 24.06 24.54 -10.46
C VAL A 436 23.70 25.07 -11.85
N THR A 437 23.07 26.26 -11.94
CA THR A 437 22.78 26.84 -13.26
C THR A 437 24.02 26.93 -14.14
N ASP A 438 25.19 27.22 -13.53
CA ASP A 438 26.41 27.40 -14.32
C ASP A 438 26.94 26.06 -14.85
N LYS A 439 26.36 24.92 -14.42
CA LYS A 439 26.69 23.62 -14.96
C LYS A 439 25.91 23.31 -16.22
N TYR A 440 24.68 23.83 -16.32
CA TYR A 440 23.83 23.58 -17.47
C TYR A 440 24.02 24.64 -18.56
N LYS A 441 24.45 25.83 -18.17
CA LYS A 441 24.41 26.96 -19.08
C LYS A 441 25.65 27.82 -18.94
N TYR A 442 26.07 28.41 -20.06
CA TYR A 442 26.94 29.57 -19.94
C TYR A 442 26.22 30.77 -19.31
N PRO A 443 27.00 31.76 -18.79
CA PRO A 443 26.46 32.91 -18.07
C PRO A 443 25.57 33.75 -18.99
N GLU A 444 24.59 34.41 -18.36
CA GLU A 444 23.48 35.05 -19.04
C GLU A 444 24.03 36.14 -19.98
N GLY A 445 23.57 36.12 -21.23
CA GLY A 445 23.99 37.05 -22.26
C GLY A 445 25.50 37.11 -22.41
N SER A 446 26.12 35.93 -22.50
CA SER A 446 27.52 35.82 -22.85
C SER A 446 27.63 35.42 -24.32
N ASP A 447 28.79 35.69 -24.89
CA ASP A 447 29.12 35.21 -26.23
C ASP A 447 28.96 33.69 -26.29
N GLN A 448 29.59 33.00 -25.35
CA GLN A 448 29.46 31.54 -25.21
C GLN A 448 27.98 31.13 -25.22
N GLU A 449 27.13 31.74 -24.37
CA GLU A 449 25.71 31.41 -24.35
C GLU A 449 25.15 31.49 -25.77
N ARG A 450 25.53 32.56 -26.50
CA ARG A 450 24.99 32.82 -27.82
C ARG A 450 25.55 31.79 -28.78
N GLN A 451 26.87 31.58 -28.75
CA GLN A 451 27.42 30.52 -29.57
C GLN A 451 26.70 29.19 -29.31
N VAL A 452 26.38 28.85 -28.03
CA VAL A 452 25.92 27.49 -27.73
C VAL A 452 24.51 27.32 -28.29
N PHE A 453 23.72 28.39 -28.13
CA PHE A 453 22.34 28.41 -28.57
C PHE A 453 22.26 28.27 -30.10
N GLN A 454 23.03 29.08 -30.86
CA GLN A 454 23.09 28.97 -32.31
C GLN A 454 23.59 27.58 -32.71
N LYS A 455 24.70 27.14 -32.10
CA LYS A 455 25.20 25.79 -32.40
C LYS A 455 24.08 24.76 -32.30
N ALA A 456 23.31 24.80 -31.18
CA ALA A 456 22.26 23.83 -30.92
C ALA A 456 21.14 23.97 -31.94
N LEU A 457 20.80 25.22 -32.22
CA LEU A 457 19.74 25.56 -33.17
C LEU A 457 20.11 25.02 -34.56
N GLY A 458 21.38 25.25 -34.95
CA GLY A 458 21.97 24.59 -36.11
C GLY A 458 21.58 23.12 -36.23
N LYS A 459 21.99 22.32 -35.23
CA LYS A 459 21.70 20.89 -35.22
C LYS A 459 20.19 20.59 -35.24
N LEU A 460 19.33 21.53 -34.85
CA LEU A 460 17.90 21.43 -35.13
C LEU A 460 17.54 22.40 -36.26
N GLU A 475 3.73 41.78 -35.92
CA GLU A 475 4.11 41.58 -37.35
C GLU A 475 5.49 40.92 -37.38
N THR A 476 6.49 41.67 -37.86
CA THR A 476 7.88 41.33 -37.68
C THR A 476 8.63 42.55 -37.11
N GLU A 477 7.88 43.57 -36.66
CA GLU A 477 8.48 44.82 -36.19
C GLU A 477 8.64 44.75 -34.68
N GLU A 478 9.40 45.71 -34.13
CA GLU A 478 9.71 45.70 -32.71
C GLU A 478 9.33 47.03 -32.07
N GLN A 479 8.50 46.96 -31.02
CA GLN A 479 7.89 48.13 -30.41
C GLN A 479 8.76 48.65 -29.28
N GLU A 480 8.72 49.97 -29.07
CA GLU A 480 9.00 50.50 -27.76
C GLU A 480 7.66 51.00 -27.25
N PRO A 481 6.93 50.25 -26.40
CA PRO A 481 5.63 50.72 -25.91
C PRO A 481 5.76 51.91 -24.95
N SER A 482 4.72 52.74 -24.92
CA SER A 482 4.68 53.86 -23.99
C SER A 482 4.70 53.38 -22.55
N ILE A 483 3.88 52.37 -22.26
CA ILE A 483 3.59 51.93 -20.90
C ILE A 483 4.38 50.65 -20.61
N ILE A 484 5.02 50.63 -19.45
CA ILE A 484 5.60 49.44 -18.86
C ILE A 484 4.82 49.18 -17.58
N GLY A 485 4.81 47.89 -17.20
CA GLY A 485 4.10 47.47 -16.02
C GLY A 485 4.85 46.40 -15.25
N LYS A 486 4.46 46.26 -13.99
CA LYS A 486 5.07 45.34 -13.05
C LYS A 486 4.00 45.08 -12.00
N LEU A 487 3.79 43.80 -11.67
CA LEU A 487 2.95 43.46 -10.54
C LEU A 487 3.82 43.27 -9.31
N LYS A 488 3.43 43.89 -8.19
CA LYS A 488 4.16 43.80 -6.93
C LYS A 488 3.23 43.20 -5.89
N VAL A 489 3.81 42.51 -4.91
CA VAL A 489 3.05 41.99 -3.81
C VAL A 489 3.01 43.02 -2.70
N ALA A 490 1.83 43.35 -2.18
CA ALA A 490 1.69 44.12 -0.95
C ALA A 490 1.39 43.18 0.21
N GLY A 491 2.25 43.18 1.22
CA GLY A 491 1.94 42.42 2.41
C GLY A 491 2.03 40.91 2.18
N MET A 492 1.27 40.18 2.99
CA MET A 492 1.55 38.80 3.32
C MET A 492 0.69 37.93 2.40
N LEU A 493 1.34 37.01 1.68
CA LEU A 493 0.60 36.01 0.94
C LEU A 493 0.47 34.76 1.81
N ALA A 494 -0.75 34.43 2.25
CA ALA A 494 -1.00 33.21 3.02
C ALA A 494 -2.43 32.74 2.77
N VAL A 495 -2.61 31.43 2.67
CA VAL A 495 -3.92 30.84 2.51
C VAL A 495 -4.76 31.23 3.72
N GLY A 496 -5.91 31.88 3.45
CA GLY A 496 -6.80 32.38 4.47
C GLY A 496 -6.77 33.91 4.51
N LYS A 497 -5.61 34.49 4.20
CA LYS A 497 -5.50 35.93 4.10
C LYS A 497 -5.81 36.41 2.69
N GLU A 498 -6.26 37.67 2.62
CA GLU A 498 -6.52 38.26 1.33
C GLU A 498 -5.19 38.50 0.60
N VAL A 499 -5.26 38.40 -0.71
CA VAL A 499 -4.13 38.64 -1.58
C VAL A 499 -4.14 40.11 -1.98
N ASN A 500 -3.07 40.85 -1.65
CA ASN A 500 -2.95 42.24 -2.01
C ASN A 500 -1.80 42.44 -2.97
N LEU A 501 -2.14 42.84 -4.19
CA LEU A 501 -1.15 43.18 -5.20
C LEU A 501 -1.40 44.61 -5.63
N VAL A 502 -0.45 45.14 -6.38
CA VAL A 502 -0.60 46.39 -7.08
C VAL A 502 -0.04 46.18 -8.48
N LEU A 503 -0.77 46.65 -9.49
CA LEU A 503 -0.19 46.79 -10.82
C LEU A 503 0.42 48.17 -10.93
N LEU A 504 1.75 48.23 -11.15
CA LEU A 504 2.43 49.49 -11.37
C LEU A 504 2.56 49.71 -12.86
N LEU A 505 1.98 50.81 -13.36
CA LEU A 505 2.21 51.19 -14.74
C LEU A 505 2.99 52.50 -14.79
N LYS A 506 3.88 52.64 -15.77
CA LYS A 506 4.56 53.91 -15.95
C LYS A 506 4.59 54.28 -17.43
N ASN A 507 4.31 55.57 -17.69
CA ASN A 507 4.35 56.13 -19.03
C ASN A 507 5.75 56.62 -19.35
N LEU A 508 6.38 56.04 -20.39
CA LEU A 508 7.76 56.35 -20.76
C LEU A 508 7.82 57.26 -21.99
N SER A 509 6.67 57.56 -22.59
CA SER A 509 6.65 58.33 -23.83
C SER A 509 6.69 59.84 -23.53
N ARG A 510 6.78 60.65 -24.60
CA ARG A 510 6.97 62.09 -24.48
C ARG A 510 5.63 62.77 -24.22
N ASP A 511 4.52 62.05 -24.42
CA ASP A 511 3.17 62.57 -24.26
C ASP A 511 2.36 61.75 -23.25
N THR A 512 1.34 62.39 -22.67
CA THR A 512 0.31 61.76 -21.88
C THR A 512 -0.35 60.67 -22.70
N LYS A 513 -0.64 59.51 -22.06
CA LYS A 513 -1.28 58.38 -22.69
C LYS A 513 -2.45 57.89 -21.86
N THR A 514 -3.46 57.36 -22.55
CA THR A 514 -4.58 56.68 -21.93
C THR A 514 -4.44 55.18 -22.16
N VAL A 515 -4.45 54.44 -21.06
CA VAL A 515 -4.19 53.01 -21.14
C VAL A 515 -5.44 52.32 -20.61
N THR A 516 -5.93 51.34 -21.36
CA THR A 516 -6.87 50.42 -20.75
C THR A 516 -6.15 49.14 -20.28
N VAL A 517 -6.56 48.69 -19.08
CA VAL A 517 -6.01 47.50 -18.48
C VAL A 517 -7.15 46.51 -18.21
N ASN A 518 -7.06 45.31 -18.80
CA ASN A 518 -7.85 44.18 -18.35
C ASN A 518 -6.99 43.14 -17.66
N MET A 519 -7.48 42.74 -16.50
CA MET A 519 -6.78 41.92 -15.55
C MET A 519 -7.63 40.72 -15.14
N THR A 520 -6.98 39.56 -14.99
CA THR A 520 -7.62 38.41 -14.38
C THR A 520 -6.66 37.72 -13.43
N ALA A 521 -7.26 36.86 -12.61
CA ALA A 521 -6.50 36.01 -11.70
C ALA A 521 -7.14 34.64 -11.72
N TRP A 522 -6.30 33.65 -12.12
CA TRP A 522 -6.68 32.25 -12.24
C TRP A 522 -5.91 31.39 -11.23
N THR A 523 -6.60 30.50 -10.53
CA THR A 523 -5.91 29.47 -9.76
C THR A 523 -5.35 28.51 -10.80
N ILE A 524 -4.14 28.05 -10.49
CA ILE A 524 -3.43 27.11 -11.34
C ILE A 524 -2.73 26.04 -10.50
N ILE A 525 -2.38 24.99 -11.22
CA ILE A 525 -1.41 23.97 -10.83
C ILE A 525 -0.04 24.53 -11.23
N TYR A 526 1.03 24.04 -10.60
CA TYR A 526 2.32 24.72 -10.66
C TYR A 526 2.91 24.66 -12.07
N ASN A 527 2.48 23.70 -12.88
CA ASN A 527 2.92 23.62 -14.26
C ASN A 527 2.20 24.64 -15.15
N GLY A 528 1.17 25.32 -14.64
CA GLY A 528 0.44 26.31 -15.42
C GLY A 528 -0.93 25.83 -15.90
N THR A 529 -1.32 24.59 -15.56
CA THR A 529 -2.67 24.11 -15.79
C THR A 529 -3.66 25.07 -15.15
N LEU A 530 -4.57 25.60 -15.97
CA LEU A 530 -5.52 26.60 -15.50
C LEU A 530 -6.68 25.92 -14.81
N VAL A 531 -7.08 26.40 -13.65
CA VAL A 531 -8.15 25.75 -12.93
C VAL A 531 -9.42 26.59 -13.02
N HIS A 532 -9.44 27.76 -12.39
CA HIS A 532 -10.66 28.57 -12.45
C HIS A 532 -10.32 30.03 -12.35
N GLU A 533 -11.08 30.87 -13.05
CA GLU A 533 -11.02 32.29 -12.80
C GLU A 533 -11.57 32.59 -11.42
N VAL A 534 -10.88 33.40 -10.61
CA VAL A 534 -11.37 33.79 -9.29
C VAL A 534 -11.57 35.29 -9.13
N TRP A 535 -11.02 36.10 -10.04
CA TRP A 535 -11.10 37.53 -9.89
C TRP A 535 -10.77 38.12 -11.26
N LYS A 536 -11.39 39.25 -11.56
CA LYS A 536 -11.04 40.00 -12.76
C LYS A 536 -11.38 41.45 -12.50
N ASP A 537 -10.70 42.34 -13.21
CA ASP A 537 -10.89 43.77 -13.02
C ASP A 537 -10.44 44.45 -14.29
N SER A 538 -10.93 45.66 -14.50
CA SER A 538 -10.31 46.52 -15.47
C SER A 538 -10.28 47.94 -14.97
N ALA A 539 -9.46 48.69 -15.69
CA ALA A 539 -9.11 50.05 -15.34
C ALA A 539 -8.76 50.79 -16.62
N THR A 540 -9.22 52.04 -16.70
CA THR A 540 -8.69 52.97 -17.69
C THR A 540 -8.15 54.17 -16.95
N MET A 541 -6.96 54.61 -17.38
CA MET A 541 -6.30 55.76 -16.78
C MET A 541 -5.43 56.50 -17.81
N SER A 542 -5.25 57.81 -17.57
CA SER A 542 -4.28 58.62 -18.27
C SER A 542 -3.04 58.81 -17.41
N LEU A 543 -1.86 58.71 -18.03
CA LEU A 543 -0.62 58.96 -17.34
C LEU A 543 0.20 59.99 -18.12
N ASP A 544 0.68 61.02 -17.41
CA ASP A 544 1.60 61.98 -17.98
C ASP A 544 2.94 61.29 -18.22
N PRO A 545 3.82 61.85 -19.08
CA PRO A 545 5.17 61.32 -19.24
C PRO A 545 5.84 61.12 -17.87
N GLU A 546 6.42 59.93 -17.64
CA GLU A 546 7.09 59.54 -16.39
C GLU A 546 6.09 59.29 -15.26
N GLU A 547 4.79 59.50 -15.46
CA GLU A 547 3.88 59.33 -14.35
C GLU A 547 3.85 57.83 -14.07
N GLU A 548 3.67 57.50 -12.78
CA GLU A 548 3.60 56.11 -12.39
C GLU A 548 2.32 55.99 -11.59
N ALA A 549 1.54 54.96 -11.86
CA ALA A 549 0.26 54.79 -11.22
C ALA A 549 0.19 53.37 -10.67
N GLU A 550 -0.66 53.20 -9.66
CA GLU A 550 -0.80 51.95 -8.95
C GLU A 550 -2.26 51.54 -9.05
N HIS A 551 -2.52 50.35 -9.54
CA HIS A 551 -3.89 49.88 -9.48
C HIS A 551 -3.95 48.72 -8.49
N PRO A 552 -4.69 48.81 -7.38
CA PRO A 552 -4.76 47.73 -6.40
C PRO A 552 -5.53 46.50 -6.85
N ILE A 553 -4.99 45.34 -6.46
CA ILE A 553 -5.63 44.08 -6.71
C ILE A 553 -5.83 43.41 -5.36
N LYS A 554 -7.07 43.06 -5.07
CA LYS A 554 -7.42 42.49 -3.79
C LYS A 554 -8.31 41.30 -4.10
N ILE A 555 -7.88 40.12 -3.66
CA ILE A 555 -8.63 38.89 -3.84
C ILE A 555 -8.87 38.31 -2.45
N SER A 556 -10.14 38.27 -2.06
CA SER A 556 -10.49 37.82 -0.73
C SER A 556 -10.30 36.30 -0.69
N TYR A 557 -10.25 35.77 0.53
CA TYR A 557 -10.30 34.34 0.80
C TYR A 557 -11.52 33.72 0.15
N ALA A 558 -12.68 34.36 0.34
CA ALA A 558 -13.93 33.84 -0.20
C ALA A 558 -13.86 33.72 -1.72
N GLN A 559 -13.19 34.63 -2.40
CA GLN A 559 -13.05 34.57 -3.84
C GLN A 559 -12.11 33.46 -4.34
N TYR A 560 -10.97 33.15 -3.66
CA TYR A 560 -10.05 32.18 -4.25
C TYR A 560 -10.17 30.79 -3.61
N GLU A 561 -10.87 30.68 -2.47
CA GLU A 561 -10.87 29.52 -1.58
C GLU A 561 -11.45 28.33 -2.33
N LYS A 562 -12.46 28.56 -3.16
CA LYS A 562 -13.12 27.42 -3.76
C LYS A 562 -12.23 26.81 -4.82
N TYR A 563 -11.31 27.55 -5.42
CA TYR A 563 -10.65 26.96 -6.57
C TYR A 563 -9.12 26.83 -6.39
N LEU A 564 -8.57 27.35 -5.28
CA LEU A 564 -7.16 27.22 -4.93
C LEU A 564 -6.82 25.76 -4.66
N LYS A 565 -5.74 25.29 -5.27
CA LYS A 565 -5.29 23.92 -5.16
C LYS A 565 -4.11 23.84 -4.18
N SER A 566 -3.60 22.61 -3.97
CA SER A 566 -2.52 22.42 -3.00
C SER A 566 -1.28 23.19 -3.41
N ASP A 567 -1.15 23.48 -4.69
CA ASP A 567 -0.12 24.38 -5.18
C ASP A 567 -0.14 25.75 -4.49
N ASN A 568 -1.32 26.25 -4.07
CA ASN A 568 -1.44 27.54 -3.44
C ASN A 568 -1.00 28.65 -4.41
N MET A 569 -1.29 28.44 -5.68
CA MET A 569 -0.75 29.34 -6.66
C MET A 569 -1.90 30.08 -7.38
N ILE A 570 -1.61 31.34 -7.76
CA ILE A 570 -2.55 32.10 -8.56
C ILE A 570 -1.78 32.85 -9.63
N ARG A 571 -2.32 32.79 -10.84
CA ARG A 571 -1.73 33.42 -11.99
C ARG A 571 -2.42 34.77 -12.19
N ILE A 572 -1.64 35.86 -12.16
CA ILE A 572 -2.15 37.23 -12.30
C ILE A 572 -1.68 37.75 -13.66
N THR A 573 -2.63 38.26 -14.43
CA THR A 573 -2.42 38.76 -15.78
C THR A 573 -3.08 40.15 -15.91
N ALA A 574 -2.35 41.11 -16.50
CA ALA A 574 -2.92 42.38 -16.91
C ALA A 574 -2.45 42.67 -18.34
N VAL A 575 -3.41 42.65 -19.26
CA VAL A 575 -3.17 43.09 -20.62
C VAL A 575 -3.54 44.57 -20.71
N CYS A 576 -2.54 45.39 -21.08
CA CYS A 576 -2.61 46.83 -21.10
C CYS A 576 -2.47 47.29 -22.54
N LYS A 577 -3.26 48.31 -22.90
CA LYS A 577 -3.36 48.79 -24.28
C LYS A 577 -3.61 50.29 -24.28
N VAL A 578 -2.72 50.99 -24.96
CA VAL A 578 -2.91 52.38 -25.32
C VAL A 578 -3.34 52.42 -26.79
N PRO A 579 -4.20 53.36 -27.22
CA PRO A 579 -4.53 53.50 -28.65
C PRO A 579 -3.32 53.54 -29.57
N ASP A 580 -3.44 52.75 -30.65
CA ASP A 580 -2.46 52.63 -31.71
C ASP A 580 -1.13 52.06 -31.22
N GLU A 581 -1.09 51.31 -30.11
CA GLU A 581 0.10 50.60 -29.69
C GLU A 581 -0.26 49.12 -29.44
N SER A 582 0.67 48.22 -29.77
CA SER A 582 0.69 46.86 -29.28
C SER A 582 0.34 46.81 -27.80
N GLU A 583 -0.40 45.77 -27.44
CA GLU A 583 -0.59 45.40 -26.05
C GLU A 583 0.73 45.06 -25.37
N VAL A 584 0.70 45.28 -24.06
CA VAL A 584 1.70 44.88 -23.11
C VAL A 584 1.02 43.87 -22.17
N VAL A 585 1.68 42.74 -21.91
CA VAL A 585 1.15 41.72 -21.02
C VAL A 585 2.02 41.70 -19.79
N VAL A 586 1.46 42.07 -18.63
CA VAL A 586 2.17 41.98 -17.37
C VAL A 586 1.65 40.76 -16.62
N GLU A 587 2.53 39.92 -16.09
CA GLU A 587 2.04 38.68 -15.49
C GLU A 587 2.92 38.27 -14.32
N ARG A 588 2.31 37.53 -13.39
CA ARG A 588 3.03 36.99 -12.27
C ARG A 588 2.22 35.85 -11.67
N ASP A 589 2.87 34.71 -11.44
CA ASP A 589 2.33 33.60 -10.66
C ASP A 589 2.78 33.77 -9.21
N ILE A 590 1.81 33.81 -8.29
CA ILE A 590 2.09 33.99 -6.89
C ILE A 590 1.81 32.68 -6.17
N ILE A 591 2.51 32.55 -5.04
CA ILE A 591 2.41 31.42 -4.14
C ILE A 591 1.98 31.94 -2.78
N LEU A 592 0.87 31.41 -2.26
CA LEU A 592 0.42 31.69 -0.90
C LEU A 592 0.98 30.63 0.04
N ASP A 593 1.49 31.11 1.17
CA ASP A 593 2.05 30.28 2.22
C ASP A 593 0.94 29.54 2.93
N ASN A 594 1.27 28.31 3.32
CA ASN A 594 0.40 27.54 4.17
C ASN A 594 0.53 28.15 5.54
N PRO A 595 -0.43 27.93 6.43
CA PRO A 595 -0.22 28.31 7.82
C PRO A 595 0.89 27.41 8.38
N THR A 596 1.56 27.89 9.42
CA THR A 596 2.78 27.23 9.85
C THR A 596 2.41 25.99 10.67
N LEU A 597 3.21 24.95 10.49
CA LEU A 597 3.02 23.74 11.25
C LEU A 597 4.35 23.48 11.92
N THR A 598 4.36 23.28 13.22
CA THR A 598 5.63 23.18 13.92
C THR A 598 5.74 21.81 14.55
N LEU A 599 6.96 21.27 14.56
CA LEU A 599 7.32 20.05 15.27
C LEU A 599 8.43 20.37 16.27
N GLU A 600 8.30 19.74 17.44
CA GLU A 600 9.25 19.85 18.51
C GLU A 600 9.50 18.47 19.09
N VAL A 601 10.78 18.16 19.29
CA VAL A 601 11.20 16.99 20.00
C VAL A 601 11.30 17.39 21.47
N LEU A 602 10.69 16.60 22.36
CA LEU A 602 10.56 17.05 23.73
C LEU A 602 11.66 16.48 24.64
N ASN A 603 12.45 15.50 24.16
CA ASN A 603 13.61 15.01 24.88
C ASN A 603 14.63 14.51 23.88
N GLU A 604 15.82 14.22 24.38
CA GLU A 604 16.91 13.69 23.57
C GLU A 604 16.41 12.50 22.77
N ALA A 605 16.71 12.51 21.46
CA ALA A 605 16.58 11.31 20.64
C ALA A 605 17.78 10.38 20.82
N ARG A 606 17.49 9.12 21.19
CA ARG A 606 18.45 8.05 21.36
C ARG A 606 17.94 6.76 20.70
N VAL A 607 18.85 5.93 20.18
CA VAL A 607 18.46 4.69 19.54
C VAL A 607 17.74 3.81 20.56
N ARG A 608 16.60 3.26 20.17
CA ARG A 608 15.75 2.34 20.91
C ARG A 608 15.19 2.90 22.20
N LYS A 609 15.12 4.23 22.31
CA LYS A 609 14.46 4.89 23.41
C LYS A 609 13.30 5.71 22.87
N PRO A 610 12.08 5.64 23.46
CA PRO A 610 11.00 6.52 23.05
C PRO A 610 11.35 8.01 23.13
N VAL A 611 10.89 8.74 22.14
CA VAL A 611 11.13 10.17 22.04
C VAL A 611 9.75 10.77 21.84
N ASN A 612 9.27 11.62 22.76
N ASN A 612 9.38 11.72 22.70
CA ASN A 612 7.99 12.29 22.58
CA ASN A 612 8.10 12.40 22.67
C ASN A 612 8.23 13.51 21.70
C ASN A 612 8.23 13.59 21.71
N VAL A 613 7.34 13.67 20.72
CA VAL A 613 7.35 14.72 19.74
C VAL A 613 6.00 15.40 19.75
N GLN A 614 6.01 16.71 19.52
CA GLN A 614 4.81 17.49 19.62
C GLN A 614 4.60 18.21 18.30
N MET A 615 3.40 18.03 17.73
CA MET A 615 2.92 18.83 16.63
C MET A 615 2.12 20.03 17.17
N LEU A 616 2.34 21.22 16.63
CA LEU A 616 1.53 22.39 16.94
C LEU A 616 0.98 23.01 15.66
N PHE A 617 -0.32 23.31 15.70
CA PHE A 617 -1.02 23.92 14.60
C PHE A 617 -2.14 24.85 15.11
N SER A 618 -2.21 26.05 14.53
CA SER A 618 -3.28 27.00 14.79
C SER A 618 -4.11 27.12 13.53
N ASN A 619 -5.41 26.85 13.63
CA ASN A 619 -6.29 27.05 12.49
C ASN A 619 -6.46 28.55 12.30
N PRO A 620 -6.11 29.14 11.13
CA PRO A 620 -6.26 30.60 10.94
C PRO A 620 -7.59 31.02 10.33
N LEU A 621 -8.41 30.04 9.91
CA LEU A 621 -9.68 30.34 9.28
C LEU A 621 -10.75 30.66 10.34
N ASP A 622 -11.73 31.46 9.92
CA ASP A 622 -12.94 31.64 10.68
C ASP A 622 -13.97 30.61 10.26
N GLU A 623 -13.52 29.37 10.09
CA GLU A 623 -14.44 28.26 9.95
C GLU A 623 -13.68 27.10 10.55
N PRO A 624 -14.37 25.98 10.82
CA PRO A 624 -13.69 24.80 11.32
C PRO A 624 -12.90 24.11 10.20
N VAL A 625 -11.86 23.40 10.61
CA VAL A 625 -11.17 22.50 9.69
C VAL A 625 -11.37 21.07 10.20
N ARG A 626 -11.79 20.20 9.29
CA ARG A 626 -12.18 18.85 9.63
C ARG A 626 -11.39 17.87 8.77
N ASP A 627 -11.58 16.56 9.07
CA ASP A 627 -10.88 15.46 8.47
C ASP A 627 -9.38 15.65 8.66
N CYS A 628 -9.00 16.09 9.86
CA CYS A 628 -7.63 16.48 10.13
C CYS A 628 -6.80 15.21 10.30
N VAL A 629 -5.75 15.07 9.48
CA VAL A 629 -4.78 13.98 9.61
C VAL A 629 -3.38 14.58 9.67
N LEU A 630 -2.62 14.13 10.67
CA LEU A 630 -1.20 14.30 10.72
C LEU A 630 -0.50 13.01 10.32
N MET A 631 0.37 13.13 9.32
CA MET A 631 1.14 12.00 8.83
C MET A 631 2.62 12.30 9.06
N VAL A 632 3.36 11.32 9.58
CA VAL A 632 4.75 11.53 9.95
C VAL A 632 5.57 10.33 9.44
N GLU A 633 6.80 10.61 9.02
CA GLU A 633 7.72 9.54 8.75
C GLU A 633 9.13 10.09 8.89
N GLY A 634 10.10 9.18 8.84
CA GLY A 634 11.49 9.53 8.80
C GLY A 634 12.33 8.26 8.93
N SER A 635 13.21 8.02 7.97
CA SER A 635 14.10 6.88 8.04
C SER A 635 15.02 6.98 9.26
N GLY A 636 14.97 5.87 10.03
CA GLY A 636 15.81 5.73 11.20
C GLY A 636 15.13 6.24 12.47
N LEU A 637 13.89 6.74 12.32
CA LEU A 637 13.11 7.38 13.38
C LEU A 637 11.81 6.63 13.59
N LEU A 638 11.19 6.18 12.51
CA LEU A 638 9.91 5.49 12.54
C LEU A 638 9.99 4.40 11.49
N LEU A 639 9.34 3.27 11.74
CA LEU A 639 9.14 2.26 10.72
C LEU A 639 7.87 2.60 9.93
N GLY A 640 8.04 2.85 8.63
CA GLY A 640 6.92 3.27 7.81
C GLY A 640 6.45 4.69 8.18
N ASN A 641 5.15 4.86 8.40
CA ASN A 641 4.67 6.20 8.72
C ASN A 641 3.56 6.13 9.77
N LEU A 642 3.42 7.24 10.47
CA LEU A 642 2.39 7.41 11.47
C LEU A 642 1.30 8.21 10.81
N LYS A 643 0.04 7.78 10.94
CA LYS A 643 -1.08 8.61 10.54
C LYS A 643 -1.95 8.81 11.77
N ILE A 644 -2.17 10.07 12.14
CA ILE A 644 -2.85 10.39 13.37
C ILE A 644 -4.09 11.22 13.04
N ASP A 645 -5.28 10.66 13.39
CA ASP A 645 -6.54 11.39 13.30
C ASP A 645 -6.51 12.48 14.35
N VAL A 646 -6.73 13.71 13.89
CA VAL A 646 -6.73 14.88 14.74
C VAL A 646 -8.16 15.38 14.83
N PRO A 647 -8.65 15.75 16.04
CA PRO A 647 -9.99 16.31 16.21
C PRO A 647 -10.22 17.57 15.39
N THR A 648 -11.38 17.64 14.73
CA THR A 648 -11.86 18.86 14.11
C THR A 648 -11.43 20.05 14.95
N LEU A 649 -10.85 21.07 14.30
CA LEU A 649 -10.58 22.32 14.99
C LEU A 649 -11.66 23.33 14.64
N GLY A 650 -12.12 24.06 15.65
CA GLY A 650 -13.02 25.16 15.41
C GLY A 650 -12.26 26.33 14.81
N PRO A 651 -12.98 27.42 14.49
CA PRO A 651 -12.38 28.62 13.92
C PRO A 651 -11.32 29.18 14.84
N LYS A 652 -10.12 29.46 14.33
CA LYS A 652 -9.04 30.05 15.09
C LYS A 652 -8.58 29.14 16.24
N GLU A 653 -9.02 27.88 16.28
CA GLU A 653 -8.60 27.00 17.36
C GLU A 653 -7.21 26.40 17.06
N GLY A 654 -6.52 26.04 18.14
CA GLY A 654 -5.19 25.48 18.07
C GLY A 654 -5.24 24.00 18.35
N SER A 655 -4.18 23.30 17.92
CA SER A 655 -4.10 21.88 18.09
C SER A 655 -2.70 21.55 18.56
N ARG A 656 -2.65 20.61 19.51
CA ARG A 656 -1.40 20.13 20.09
C ARG A 656 -1.44 18.61 20.14
N VAL A 657 -0.71 17.96 19.23
CA VAL A 657 -0.69 16.52 19.14
C VAL A 657 0.67 16.01 19.62
N ARG A 658 0.63 15.03 20.52
CA ARG A 658 1.83 14.37 21.03
C ARG A 658 1.91 13.00 20.40
N PHE A 659 3.13 12.59 20.04
CA PHE A 659 3.37 11.23 19.57
C PHE A 659 4.82 10.82 19.83
N ASP A 660 5.04 9.52 19.85
CA ASP A 660 6.38 9.01 20.07
C ASP A 660 6.96 8.54 18.74
N ILE A 661 8.26 8.77 18.59
CA ILE A 661 9.04 8.02 17.63
C ILE A 661 9.97 7.12 18.44
N LEU A 662 10.73 6.28 17.73
CA LEU A 662 11.58 5.30 18.37
C LEU A 662 12.74 5.01 17.42
N PRO A 663 13.81 5.78 17.52
CA PRO A 663 14.91 5.71 16.57
C PRO A 663 15.59 4.36 16.56
N SER A 664 16.03 3.93 15.39
CA SER A 664 16.70 2.67 15.22
C SER A 664 18.15 2.90 14.85
N ARG A 665 18.45 4.10 14.33
CA ARG A 665 19.80 4.37 13.88
C ARG A 665 20.25 5.72 14.41
N SER A 666 21.55 5.85 14.72
CA SER A 666 22.08 7.08 15.29
C SER A 666 22.60 8.02 14.19
N GLY A 667 22.90 9.26 14.59
CA GLY A 667 23.27 10.32 13.66
C GLY A 667 22.09 11.27 13.42
N THR A 668 22.28 12.20 12.48
CA THR A 668 21.27 13.17 12.09
C THR A 668 20.30 12.51 11.12
N LYS A 669 19.04 12.55 11.51
CA LYS A 669 17.95 11.94 10.80
C LYS A 669 16.95 13.04 10.48
N GLN A 670 16.00 12.71 9.63
CA GLN A 670 15.05 13.67 9.15
C GLN A 670 13.64 13.20 9.46
N LEU A 671 12.93 13.99 10.27
CA LEU A 671 11.51 13.82 10.54
C LEU A 671 10.66 14.74 9.66
N LEU A 672 9.69 14.14 8.96
CA LEU A 672 8.83 14.85 8.03
C LEU A 672 7.40 14.65 8.46
N ALA A 673 6.62 15.75 8.40
CA ALA A 673 5.25 15.73 8.84
C ALA A 673 4.37 16.38 7.77
N ASP A 674 3.24 15.74 7.48
CA ASP A 674 2.19 16.32 6.64
C ASP A 674 0.95 16.48 7.53
N PHE A 675 0.42 17.71 7.62
CA PHE A 675 -0.90 17.91 8.20
C PHE A 675 -1.92 18.30 7.13
N SER A 676 -3.03 17.57 7.07
CA SER A 676 -4.06 17.83 6.07
C SER A 676 -5.44 17.89 6.71
N CYS A 677 -6.28 18.77 6.18
CA CYS A 677 -7.68 18.80 6.52
C CYS A 677 -8.47 19.22 5.27
N ASN A 678 -9.76 19.44 5.42
CA ASN A 678 -10.61 19.82 4.29
C ASN A 678 -10.17 21.15 3.68
N LYS A 679 -9.51 22.06 4.39
CA LYS A 679 -9.20 23.38 3.82
C LYS A 679 -7.71 23.58 3.50
N PHE A 680 -6.83 22.68 3.99
CA PHE A 680 -5.40 22.80 3.78
C PHE A 680 -4.89 21.43 3.40
N PRO A 681 -4.89 21.09 2.10
CA PRO A 681 -4.58 19.73 1.69
C PRO A 681 -3.24 19.15 2.15
N ALA A 682 -2.19 19.96 2.35
CA ALA A 682 -0.87 19.38 2.64
C ALA A 682 0.10 20.38 3.26
N ILE A 683 -0.01 20.60 4.54
CA ILE A 683 0.90 21.53 5.21
C ILE A 683 2.11 20.72 5.63
N LYS A 684 3.32 21.19 5.29
CA LYS A 684 4.51 20.39 5.58
C LYS A 684 5.29 20.98 6.74
N ALA A 685 5.96 20.10 7.49
CA ALA A 685 6.97 20.51 8.45
C ALA A 685 8.09 19.49 8.42
N MET A 686 9.29 19.92 8.79
CA MET A 686 10.41 19.01 8.87
C MET A 686 11.35 19.45 9.97
N LEU A 687 12.05 18.46 10.50
CA LEU A 687 13.00 18.61 11.60
C LEU A 687 14.20 17.71 11.30
N SER A 688 15.40 18.24 11.52
CA SER A 688 16.57 17.43 11.72
C SER A 688 16.66 17.07 13.17
N ILE A 689 16.78 15.76 13.43
CA ILE A 689 16.94 15.26 14.78
C ILE A 689 18.25 14.47 14.89
N ASP A 690 19.10 14.88 15.83
CA ASP A 690 20.35 14.21 16.17
C ASP A 690 20.02 13.11 17.15
N VAL A 691 20.40 11.90 16.76
CA VAL A 691 20.00 10.69 17.48
C VAL A 691 21.26 10.15 18.13
N ALA A 692 21.24 10.07 19.45
CA ALA A 692 22.43 9.65 20.15
C ALA A 692 22.43 8.12 20.14
N GLU A 693 23.62 7.54 20.24
CA GLU A 693 23.66 6.09 20.25
C GLU A 693 23.39 5.55 21.66
N GLU B 1 -17.26 10.61 12.35
CA GLU B 1 -16.66 9.29 12.03
C GLU B 1 -17.40 8.73 10.81
N VAL B 2 -16.87 7.61 10.30
CA VAL B 2 -17.45 6.93 9.15
C VAL B 2 -18.69 6.18 9.57
N GLN B 3 -19.77 6.26 8.78
CA GLN B 3 -20.96 5.45 9.01
C GLN B 3 -21.29 4.74 7.72
N LEU B 4 -21.64 3.46 7.85
CA LEU B 4 -22.13 2.64 6.76
C LEU B 4 -23.40 1.99 7.25
N VAL B 5 -24.53 2.29 6.61
CA VAL B 5 -25.81 1.81 7.06
C VAL B 5 -26.31 0.90 5.95
N GLU B 6 -26.46 -0.39 6.28
CA GLU B 6 -26.91 -1.36 5.31
C GLU B 6 -28.42 -1.53 5.38
N SER B 7 -29.01 -1.93 4.26
CA SER B 7 -30.42 -2.28 4.26
C SER B 7 -30.72 -3.23 3.12
N GLY B 8 -31.93 -3.80 3.15
CA GLY B 8 -32.48 -4.58 2.05
C GLY B 8 -32.45 -6.09 2.34
N GLY B 9 -31.85 -6.48 3.47
CA GLY B 9 -31.80 -7.89 3.86
C GLY B 9 -33.19 -8.36 4.32
N GLY B 10 -33.47 -9.64 4.17
CA GLY B 10 -34.60 -10.26 4.87
C GLY B 10 -34.71 -11.75 4.56
N LEU B 11 -35.92 -12.31 4.73
CA LEU B 11 -36.18 -13.69 4.40
C LEU B 11 -36.57 -13.76 2.94
N VAL B 12 -35.95 -14.64 2.19
CA VAL B 12 -36.32 -14.75 0.79
C VAL B 12 -36.20 -16.22 0.38
N GLN B 13 -36.97 -16.61 -0.63
CA GLN B 13 -37.00 -17.98 -1.03
C GLN B 13 -35.92 -18.23 -2.07
N PRO B 14 -35.31 -19.43 -2.04
CA PRO B 14 -34.32 -19.80 -3.03
C PRO B 14 -34.81 -19.52 -4.44
N GLY B 15 -33.88 -19.15 -5.33
CA GLY B 15 -34.21 -18.87 -6.71
C GLY B 15 -34.56 -17.40 -6.93
N ARG B 16 -35.11 -16.72 -5.92
CA ARG B 16 -35.52 -15.32 -5.99
C ARG B 16 -34.38 -14.34 -5.69
N SER B 17 -34.75 -13.05 -5.55
CA SER B 17 -33.83 -11.92 -5.60
C SER B 17 -33.92 -11.05 -4.36
N LEU B 18 -32.77 -10.46 -3.96
CA LEU B 18 -32.76 -9.30 -3.10
C LEU B 18 -31.84 -8.25 -3.69
N ARG B 19 -31.98 -7.05 -3.17
CA ARG B 19 -31.04 -5.99 -3.45
C ARG B 19 -30.67 -5.32 -2.14
N LEU B 20 -29.38 -5.34 -1.80
CA LEU B 20 -28.88 -4.68 -0.59
C LEU B 20 -28.39 -3.28 -0.94
N SER B 21 -28.49 -2.39 0.03
N SER B 21 -28.47 -2.37 0.02
CA SER B 21 -27.96 -1.04 -0.11
CA SER B 21 -27.93 -1.04 -0.18
C SER B 21 -27.06 -0.79 1.06
C SER B 21 -27.18 -0.64 1.08
N CYS B 22 -26.12 0.15 0.87
CA CYS B 22 -25.30 0.67 1.93
C CYS B 22 -25.05 2.14 1.60
N THR B 23 -25.38 3.00 2.56
CA THR B 23 -25.20 4.42 2.44
C THR B 23 -24.09 4.78 3.40
N ALA B 24 -23.14 5.56 2.89
CA ALA B 24 -21.91 5.90 3.58
C ALA B 24 -21.89 7.39 3.92
N SER B 25 -21.21 7.73 5.03
CA SER B 25 -21.03 9.11 5.41
C SER B 25 -19.74 9.17 6.20
N GLY B 26 -19.17 10.36 6.24
CA GLY B 26 -18.08 10.65 7.14
C GLY B 26 -16.74 10.40 6.47
N PHE B 27 -16.74 10.24 5.15
CA PHE B 27 -15.51 10.23 4.37
C PHE B 27 -15.81 10.54 2.91
N THR B 28 -14.79 10.71 2.08
CA THR B 28 -15.02 10.93 0.65
C THR B 28 -15.29 9.60 -0.02
N PHE B 29 -16.56 9.32 -0.29
CA PHE B 29 -17.01 8.02 -0.78
C PHE B 29 -16.20 7.58 -2.01
N ASP B 30 -16.03 8.52 -2.93
CA ASP B 30 -15.45 8.27 -4.23
C ASP B 30 -13.94 8.09 -4.18
N ASP B 31 -13.31 8.28 -3.01
CA ASP B 31 -11.89 7.96 -2.87
C ASP B 31 -11.53 6.47 -2.75
N TYR B 32 -12.48 5.58 -2.50
CA TYR B 32 -12.18 4.27 -1.95
C TYR B 32 -13.00 3.19 -2.66
N ALA B 33 -12.36 2.06 -2.88
CA ALA B 33 -13.07 0.82 -3.17
C ALA B 33 -14.06 0.55 -2.03
N MET B 34 -15.09 -0.17 -2.38
CA MET B 34 -16.02 -0.61 -1.36
C MET B 34 -16.28 -2.11 -1.58
N HIS B 35 -16.71 -2.80 -0.52
CA HIS B 35 -16.85 -4.23 -0.54
C HIS B 35 -18.12 -4.66 0.18
N TRP B 36 -18.63 -5.78 -0.27
CA TRP B 36 -19.54 -6.62 0.49
C TRP B 36 -18.78 -7.83 1.01
N VAL B 37 -18.96 -8.12 2.30
CA VAL B 37 -18.36 -9.26 2.98
C VAL B 37 -19.51 -9.92 3.75
N ARG B 38 -19.50 -11.24 3.85
CA ARG B 38 -20.60 -11.92 4.52
C ARG B 38 -20.09 -12.97 5.50
N GLN B 39 -20.95 -13.29 6.46
CA GLN B 39 -20.65 -14.17 7.57
C GLN B 39 -21.89 -14.99 7.90
N ALA B 40 -21.86 -16.28 7.56
CA ALA B 40 -22.92 -17.22 7.93
C ALA B 40 -22.85 -17.47 9.43
N PRO B 41 -24.00 -17.75 10.09
CA PRO B 41 -24.00 -17.83 11.55
C PRO B 41 -23.00 -18.92 12.00
N GLY B 42 -22.20 -18.60 13.01
CA GLY B 42 -21.11 -19.45 13.49
C GLY B 42 -19.98 -19.71 12.48
N LYS B 43 -19.73 -18.83 11.52
CA LYS B 43 -18.75 -19.16 10.50
C LYS B 43 -17.84 -17.97 10.27
N GLY B 44 -16.86 -18.10 9.37
CA GLY B 44 -15.90 -17.05 9.15
C GLY B 44 -16.40 -15.95 8.22
N LEU B 45 -15.47 -15.01 7.96
CA LEU B 45 -15.71 -13.89 7.07
C LEU B 45 -15.36 -14.38 5.67
N GLU B 46 -16.33 -14.18 4.79
CA GLU B 46 -16.14 -14.48 3.39
C GLU B 46 -16.42 -13.22 2.58
N TRP B 47 -15.39 -12.78 1.87
CA TRP B 47 -15.50 -11.66 0.97
C TRP B 47 -16.45 -12.02 -0.14
N VAL B 48 -17.34 -11.09 -0.53
CA VAL B 48 -18.24 -11.31 -1.64
C VAL B 48 -17.83 -10.54 -2.90
N SER B 49 -17.60 -9.22 -2.79
CA SER B 49 -17.39 -8.41 -3.98
C SER B 49 -16.71 -7.10 -3.61
N ARG B 50 -15.92 -6.56 -4.56
CA ARG B 50 -15.27 -5.27 -4.50
C ARG B 50 -15.63 -4.43 -5.74
N ILE B 51 -15.88 -3.13 -5.51
CA ILE B 51 -15.93 -2.17 -6.60
C ILE B 51 -14.92 -1.04 -6.31
N SER B 52 -14.12 -0.73 -7.32
CA SER B 52 -13.09 0.29 -7.28
C SER B 52 -13.71 1.67 -7.06
N TRP B 53 -12.90 2.59 -6.57
CA TRP B 53 -13.32 3.97 -6.36
C TRP B 53 -14.09 4.54 -7.55
N ASN B 54 -13.64 4.25 -8.79
CA ASN B 54 -14.22 4.86 -9.99
C ASN B 54 -15.21 3.91 -10.67
N SER B 55 -15.55 2.78 -10.04
CA SER B 55 -16.57 1.86 -10.56
C SER B 55 -16.06 1.08 -11.76
N ARG B 56 -14.79 1.15 -12.12
CA ARG B 56 -14.37 0.60 -13.39
C ARG B 56 -13.66 -0.73 -13.25
N SER B 57 -13.36 -1.14 -12.00
CA SER B 57 -12.83 -2.44 -11.74
C SER B 57 -13.68 -3.07 -10.64
N ILE B 58 -14.26 -4.23 -10.98
CA ILE B 58 -15.09 -5.01 -10.10
C ILE B 58 -14.55 -6.43 -9.97
N ALA B 59 -14.73 -7.05 -8.79
CA ALA B 59 -14.34 -8.43 -8.60
C ALA B 59 -15.42 -9.12 -7.78
N TYR B 60 -15.58 -10.42 -8.03
CA TYR B 60 -16.57 -11.22 -7.32
C TYR B 60 -15.91 -12.48 -6.80
N ALA B 61 -16.31 -12.94 -5.60
CA ALA B 61 -15.97 -14.30 -5.17
C ALA B 61 -16.53 -15.28 -6.18
N ASP B 62 -15.81 -16.38 -6.39
CA ASP B 62 -16.29 -17.40 -7.31
C ASP B 62 -17.71 -17.89 -6.91
N SER B 63 -17.97 -17.95 -5.60
CA SER B 63 -19.22 -18.48 -5.09
C SER B 63 -20.43 -17.67 -5.53
N VAL B 64 -20.24 -16.46 -6.09
CA VAL B 64 -21.37 -15.58 -6.38
C VAL B 64 -21.37 -15.08 -7.81
N LYS B 65 -20.36 -15.43 -8.63
CA LYS B 65 -20.30 -14.94 -10.00
C LYS B 65 -21.52 -15.44 -10.74
N GLY B 66 -22.01 -14.67 -11.72
CA GLY B 66 -23.18 -15.07 -12.48
C GLY B 66 -24.48 -14.62 -11.81
N ARG B 67 -24.45 -14.49 -10.48
CA ARG B 67 -25.66 -14.28 -9.71
C ARG B 67 -25.70 -12.89 -9.08
N PHE B 68 -24.57 -12.38 -8.55
CA PHE B 68 -24.62 -11.12 -7.79
C PHE B 68 -24.00 -10.01 -8.63
N THR B 69 -24.48 -8.79 -8.44
CA THR B 69 -23.93 -7.62 -9.11
C THR B 69 -23.71 -6.50 -8.10
N ILE B 70 -22.49 -5.98 -8.06
CA ILE B 70 -22.19 -4.84 -7.22
C ILE B 70 -22.27 -3.54 -8.06
N SER B 71 -22.71 -2.45 -7.45
CA SER B 71 -22.64 -1.14 -8.07
C SER B 71 -22.59 -0.07 -6.99
N ARG B 72 -22.27 1.16 -7.42
CA ARG B 72 -22.23 2.28 -6.51
C ARG B 72 -22.81 3.52 -7.22
N ASP B 73 -23.27 4.46 -6.42
CA ASP B 73 -23.84 5.68 -6.92
C ASP B 73 -23.18 6.80 -6.16
N SER B 74 -22.34 7.55 -6.88
CA SER B 74 -21.61 8.64 -6.28
C SER B 74 -22.53 9.68 -5.65
N ALA B 75 -23.56 10.08 -6.38
CA ALA B 75 -24.39 11.21 -5.98
C ALA B 75 -25.16 10.85 -4.72
N LYS B 76 -25.47 9.55 -4.53
CA LYS B 76 -26.17 9.08 -3.34
C LYS B 76 -25.21 8.50 -2.29
N ASN B 77 -23.90 8.53 -2.53
CA ASN B 77 -22.92 7.93 -1.62
C ASN B 77 -23.34 6.51 -1.23
N SER B 78 -23.78 5.72 -2.20
CA SER B 78 -24.35 4.43 -1.92
C SER B 78 -23.69 3.33 -2.75
N LEU B 79 -23.74 2.13 -2.16
CA LEU B 79 -23.22 0.91 -2.72
C LEU B 79 -24.38 -0.06 -2.72
N TYR B 80 -24.48 -0.93 -3.72
CA TYR B 80 -25.60 -1.83 -3.89
C TYR B 80 -25.11 -3.25 -4.16
N LEU B 81 -25.88 -4.24 -3.73
CA LEU B 81 -25.62 -5.62 -4.14
C LEU B 81 -26.90 -6.26 -4.64
N GLN B 82 -26.92 -6.53 -5.94
CA GLN B 82 -28.05 -7.24 -6.53
C GLN B 82 -27.77 -8.73 -6.40
N MET B 83 -28.67 -9.41 -5.68
CA MET B 83 -28.48 -10.81 -5.38
C MET B 83 -29.59 -11.60 -6.06
N ASN B 84 -29.24 -12.23 -7.19
CA ASN B 84 -30.17 -13.12 -7.88
C ASN B 84 -29.89 -14.58 -7.56
N SER B 85 -30.88 -15.44 -7.85
CA SER B 85 -30.71 -16.88 -7.82
C SER B 85 -30.24 -17.33 -6.45
N LEU B 86 -30.84 -16.80 -5.39
CA LEU B 86 -30.38 -17.06 -4.05
C LEU B 86 -30.51 -18.55 -3.72
N ARG B 87 -29.56 -19.02 -2.89
CA ARG B 87 -29.48 -20.39 -2.43
C ARG B 87 -29.31 -20.33 -0.92
N THR B 88 -29.74 -21.37 -0.19
N THR B 88 -29.75 -21.42 -0.31
CA THR B 88 -29.84 -21.22 1.26
CA THR B 88 -29.78 -21.64 1.13
C THR B 88 -28.42 -21.07 1.85
C THR B 88 -28.49 -21.15 1.78
N GLU B 89 -27.39 -21.46 1.09
CA GLU B 89 -26.04 -21.24 1.55
C GLU B 89 -25.58 -19.79 1.33
N ASP B 90 -26.47 -18.92 0.85
CA ASP B 90 -26.14 -17.50 0.79
C ASP B 90 -26.59 -16.86 2.10
N THR B 91 -27.28 -17.65 2.92
CA THR B 91 -27.74 -17.17 4.22
C THR B 91 -26.55 -16.65 5.01
N ALA B 92 -26.68 -15.48 5.60
CA ALA B 92 -25.54 -14.72 6.09
C ALA B 92 -25.97 -13.34 6.48
N LEU B 93 -25.13 -12.78 7.38
CA LEU B 93 -25.08 -11.36 7.66
C LEU B 93 -24.17 -10.71 6.59
N TYR B 94 -24.69 -9.67 5.94
CA TYR B 94 -23.98 -9.05 4.81
C TYR B 94 -23.49 -7.68 5.24
N TYR B 95 -22.17 -7.56 5.38
CA TYR B 95 -21.55 -6.31 5.77
C TYR B 95 -21.09 -5.55 4.55
N CYS B 96 -21.35 -4.25 4.65
CA CYS B 96 -20.77 -3.27 3.77
C CYS B 96 -19.49 -2.82 4.43
N ALA B 97 -18.38 -2.77 3.65
CA ALA B 97 -17.12 -2.28 4.17
C ALA B 97 -16.46 -1.28 3.21
N LYS B 98 -15.77 -0.29 3.81
CA LYS B 98 -14.96 0.70 3.12
C LYS B 98 -13.55 0.17 3.10
N ASP B 99 -12.91 0.30 1.94
CA ASP B 99 -11.54 -0.05 1.79
C ASP B 99 -10.69 0.98 2.49
N HIS B 100 -9.59 0.46 3.07
CA HIS B 100 -8.63 1.25 3.81
C HIS B 100 -7.78 2.09 2.86
N TYR B 101 -7.51 1.57 1.67
CA TYR B 101 -6.40 2.08 0.89
C TYR B 101 -6.88 3.29 0.08
N LEU B 102 -6.07 4.33 0.14
CA LEU B 102 -6.19 5.54 -0.68
C LEU B 102 -5.03 5.58 -1.69
N GLY B 103 -5.43 5.35 -2.95
CA GLY B 103 -4.59 5.63 -4.08
C GLY B 103 -3.72 4.45 -4.51
N SER B 104 -3.98 3.26 -3.95
CA SER B 104 -3.39 2.04 -4.48
C SER B 104 -4.43 0.91 -4.52
N ASP B 105 -4.17 -0.06 -5.38
CA ASP B 105 -5.04 -1.20 -5.63
C ASP B 105 -4.66 -2.38 -4.72
N SER B 106 -4.55 -2.09 -3.41
CA SER B 106 -4.53 -3.03 -2.31
C SER B 106 -5.89 -2.99 -1.63
N TYR B 107 -6.22 -4.03 -0.87
CA TYR B 107 -7.54 -4.14 -0.30
C TYR B 107 -7.49 -4.51 1.19
N GLY B 108 -8.25 -3.77 2.00
CA GLY B 108 -8.53 -4.18 3.38
C GLY B 108 -9.67 -3.34 3.94
N MET B 109 -10.38 -3.83 4.95
CA MET B 109 -11.66 -3.23 5.31
C MET B 109 -11.49 -2.42 6.59
N ASP B 110 -11.31 -1.09 6.46
CA ASP B 110 -11.02 -0.29 7.65
C ASP B 110 -12.29 -0.02 8.46
N VAL B 111 -13.46 0.00 7.83
CA VAL B 111 -14.69 0.27 8.55
C VAL B 111 -15.73 -0.68 7.98
N TRP B 112 -16.51 -1.30 8.87
CA TRP B 112 -17.51 -2.30 8.54
C TRP B 112 -18.86 -1.78 9.05
N GLY B 113 -19.94 -1.98 8.27
CA GLY B 113 -21.27 -1.69 8.79
C GLY B 113 -21.68 -2.78 9.76
N GLN B 114 -22.83 -2.64 10.41
CA GLN B 114 -23.25 -3.61 11.38
C GLN B 114 -23.85 -4.82 10.66
N GLY B 115 -24.22 -4.64 9.39
CA GLY B 115 -24.66 -5.74 8.55
C GLY B 115 -26.17 -5.76 8.37
N THR B 116 -26.61 -6.35 7.27
CA THR B 116 -28.02 -6.67 7.12
C THR B 116 -28.15 -8.18 6.91
N THR B 117 -29.11 -8.77 7.62
CA THR B 117 -29.26 -10.23 7.64
C THR B 117 -30.04 -10.71 6.43
N VAL B 118 -29.51 -11.71 5.75
CA VAL B 118 -30.21 -12.36 4.65
C VAL B 118 -30.43 -13.84 5.00
N THR B 119 -31.69 -14.28 4.98
CA THR B 119 -32.03 -15.67 5.24
C THR B 119 -32.78 -16.24 4.03
N VAL B 120 -32.17 -17.25 3.40
CA VAL B 120 -32.72 -17.92 2.25
C VAL B 120 -33.30 -19.27 2.68
N SER B 121 -34.62 -19.33 2.69
CA SER B 121 -35.37 -20.53 3.03
C SER B 121 -36.69 -20.49 2.28
N SER B 122 -37.16 -21.65 1.85
CA SER B 122 -38.51 -21.77 1.32
C SER B 122 -39.52 -22.15 2.42
N ALA B 123 -39.09 -22.17 3.69
CA ALA B 123 -39.95 -22.65 4.75
C ALA B 123 -41.10 -21.69 5.02
N SER B 124 -42.24 -22.27 5.40
CA SER B 124 -43.34 -21.63 6.10
C SER B 124 -43.16 -21.90 7.59
N THR B 125 -43.93 -21.18 8.39
CA THR B 125 -43.95 -21.40 9.81
C THR B 125 -44.27 -22.87 10.06
N LYS B 126 -43.57 -23.47 10.98
CA LYS B 126 -43.72 -24.90 11.19
C LYS B 126 -43.18 -25.22 12.55
N GLY B 127 -44.06 -25.85 13.33
CA GLY B 127 -43.71 -26.39 14.63
C GLY B 127 -42.70 -27.53 14.51
N PRO B 128 -41.82 -27.71 15.52
CA PRO B 128 -40.83 -28.79 15.49
C PRO B 128 -41.41 -30.18 15.75
N SER B 129 -40.63 -31.19 15.36
CA SER B 129 -40.85 -32.55 15.80
C SER B 129 -39.76 -32.86 16.80
N VAL B 130 -40.11 -33.55 17.90
CA VAL B 130 -39.19 -33.72 18.99
C VAL B 130 -38.91 -35.19 19.15
N PHE B 131 -37.63 -35.53 19.08
CA PHE B 131 -37.15 -36.92 19.11
C PHE B 131 -36.31 -37.12 20.37
N PRO B 132 -36.42 -38.28 21.05
CA PRO B 132 -35.64 -38.52 22.24
C PRO B 132 -34.20 -38.88 21.88
N LEU B 133 -33.28 -38.37 22.68
CA LEU B 133 -31.92 -38.84 22.75
C LEU B 133 -31.81 -39.70 24.00
N ALA B 134 -32.00 -41.00 23.80
CA ALA B 134 -32.14 -41.94 24.91
C ALA B 134 -30.79 -42.20 25.58
N PRO B 135 -30.72 -42.19 26.93
CA PRO B 135 -29.44 -42.40 27.62
C PRO B 135 -28.90 -43.80 27.37
N SER B 136 -27.56 -43.85 27.29
CA SER B 136 -26.77 -45.04 27.03
C SER B 136 -27.33 -46.22 27.82
N SER B 137 -27.55 -47.35 27.15
CA SER B 137 -27.81 -48.63 27.82
C SER B 137 -26.59 -49.04 28.65
N LYS B 138 -25.44 -48.41 28.39
CA LYS B 138 -24.22 -48.61 29.15
C LYS B 138 -23.86 -47.32 29.90
N SER B 139 -24.11 -47.33 31.22
CA SER B 139 -23.87 -46.18 32.08
C SER B 139 -23.66 -46.66 33.51
N THR B 140 -22.51 -46.30 34.11
CA THR B 140 -22.15 -46.71 35.46
C THR B 140 -23.24 -46.23 36.42
N SER B 141 -23.84 -47.15 37.18
CA SER B 141 -24.92 -46.76 38.09
C SER B 141 -24.37 -45.99 39.30
N GLY B 142 -23.03 -45.82 39.37
CA GLY B 142 -22.38 -44.87 40.27
C GLY B 142 -21.71 -43.69 39.55
N GLY B 143 -22.04 -43.49 38.26
CA GLY B 143 -21.67 -42.30 37.51
C GLY B 143 -22.93 -41.60 36.99
N THR B 144 -22.83 -41.04 35.77
CA THR B 144 -23.85 -40.13 35.25
C THR B 144 -24.21 -40.49 33.81
N ALA B 145 -25.33 -39.96 33.35
CA ALA B 145 -25.80 -40.33 32.03
C ALA B 145 -26.39 -39.10 31.37
N ALA B 146 -26.08 -38.93 30.09
CA ALA B 146 -26.62 -37.88 29.27
C ALA B 146 -27.88 -38.39 28.58
N LEU B 147 -28.94 -37.60 28.63
CA LEU B 147 -30.09 -37.83 27.79
C LEU B 147 -30.58 -36.47 27.30
N GLY B 148 -31.55 -36.49 26.37
CA GLY B 148 -31.86 -35.27 25.65
C GLY B 148 -33.04 -35.38 24.69
N CYS B 149 -33.28 -34.26 24.01
CA CYS B 149 -34.35 -34.02 23.05
C CYS B 149 -33.70 -33.41 21.83
N LEU B 150 -33.98 -33.95 20.64
CA LEU B 150 -33.62 -33.34 19.37
C LEU B 150 -34.83 -32.58 18.86
N VAL B 151 -34.67 -31.26 18.70
CA VAL B 151 -35.81 -30.46 18.32
C VAL B 151 -35.63 -30.14 16.86
N LYS B 152 -36.40 -30.85 16.05
CA LYS B 152 -36.07 -30.92 14.64
C LYS B 152 -37.05 -30.14 13.78
N ASP B 153 -36.49 -29.41 12.81
CA ASP B 153 -37.15 -28.99 11.59
C ASP B 153 -38.24 -27.96 11.90
N TYR B 154 -37.89 -26.88 12.59
CA TYR B 154 -38.88 -25.87 12.92
C TYR B 154 -38.55 -24.58 12.17
N PHE B 155 -39.51 -23.68 12.10
CA PHE B 155 -39.28 -22.40 11.44
C PHE B 155 -40.36 -21.41 11.85
N PRO B 156 -40.05 -20.10 12.07
CA PRO B 156 -38.69 -19.54 12.17
C PRO B 156 -38.16 -19.80 13.58
N GLU B 157 -37.02 -19.19 13.93
CA GLU B 157 -36.57 -19.09 15.31
C GLU B 157 -37.52 -18.23 16.13
N PRO B 158 -37.55 -18.31 17.47
CA PRO B 158 -36.75 -19.26 18.22
C PRO B 158 -37.58 -20.39 18.82
N VAL B 159 -36.88 -21.28 19.50
CA VAL B 159 -37.48 -22.28 20.38
C VAL B 159 -36.89 -22.08 21.78
N THR B 160 -37.66 -22.41 22.82
CA THR B 160 -37.08 -22.57 24.14
C THR B 160 -37.42 -23.96 24.68
N VAL B 161 -36.65 -24.39 25.67
CA VAL B 161 -36.78 -25.76 26.16
C VAL B 161 -36.66 -25.78 27.68
N SER B 162 -37.54 -26.53 28.33
CA SER B 162 -37.40 -26.77 29.75
C SER B 162 -37.44 -28.26 29.97
N TRP B 163 -37.00 -28.69 31.16
CA TRP B 163 -37.14 -30.08 31.56
C TRP B 163 -38.07 -30.17 32.78
N ASN B 164 -38.99 -31.13 32.72
CA ASN B 164 -39.92 -31.44 33.79
C ASN B 164 -40.62 -30.15 34.22
N SER B 165 -41.27 -29.52 33.25
CA SER B 165 -41.82 -28.18 33.36
C SER B 165 -40.97 -27.24 34.21
N GLY B 166 -39.66 -27.32 34.09
CA GLY B 166 -38.81 -26.30 34.70
C GLY B 166 -38.39 -26.70 36.09
N ALA B 167 -38.87 -27.86 36.56
CA ALA B 167 -38.39 -28.47 37.80
C ALA B 167 -36.94 -28.96 37.67
N LEU B 168 -36.54 -29.46 36.49
CA LEU B 168 -35.18 -29.95 36.30
C LEU B 168 -34.36 -28.89 35.58
N THR B 169 -33.33 -28.36 36.25
CA THR B 169 -32.48 -27.32 35.69
C THR B 169 -31.00 -27.64 35.91
N SER B 170 -30.72 -28.50 36.89
CA SER B 170 -29.35 -28.88 37.18
C SER B 170 -28.86 -29.87 36.12
N GLY B 171 -27.79 -29.52 35.42
CA GLY B 171 -27.25 -30.38 34.37
C GLY B 171 -27.81 -30.12 32.97
N VAL B 172 -28.64 -29.07 32.83
CA VAL B 172 -29.38 -28.78 31.62
C VAL B 172 -28.52 -27.86 30.77
N HIS B 173 -28.48 -28.15 29.47
CA HIS B 173 -27.99 -27.19 28.48
C HIS B 173 -28.77 -27.35 27.17
N THR B 174 -29.31 -26.23 26.69
CA THR B 174 -29.99 -26.20 25.42
C THR B 174 -29.07 -25.51 24.45
N PHE B 175 -28.76 -26.18 23.33
CA PHE B 175 -27.82 -25.62 22.38
C PHE B 175 -28.48 -24.57 21.48
N PRO B 176 -27.64 -23.74 20.86
CA PRO B 176 -28.05 -22.90 19.73
C PRO B 176 -28.50 -23.77 18.56
N ALA B 177 -29.38 -23.21 17.74
CA ALA B 177 -29.94 -23.89 16.59
C ALA B 177 -28.93 -23.93 15.45
N VAL B 178 -29.16 -24.85 14.53
CA VAL B 178 -28.49 -24.85 13.25
C VAL B 178 -29.59 -24.70 12.19
N LEU B 179 -29.27 -23.95 11.14
CA LEU B 179 -30.12 -23.82 9.99
C LEU B 179 -29.67 -24.86 8.97
N GLN B 180 -30.56 -25.79 8.60
CA GLN B 180 -30.21 -26.87 7.70
C GLN B 180 -30.32 -26.42 6.25
N SER B 181 -29.72 -27.22 5.37
CA SER B 181 -29.78 -26.94 3.95
C SER B 181 -31.23 -26.94 3.47
N SER B 182 -32.12 -27.62 4.22
CA SER B 182 -33.56 -27.61 4.00
C SER B 182 -34.19 -26.25 4.27
N GLY B 183 -33.50 -25.36 4.98
CA GLY B 183 -34.09 -24.09 5.36
C GLY B 183 -34.92 -24.16 6.64
N LEU B 184 -34.84 -25.29 7.38
CA LEU B 184 -35.48 -25.44 8.67
C LEU B 184 -34.40 -25.46 9.76
N TYR B 185 -34.79 -25.09 10.98
CA TYR B 185 -33.86 -25.08 12.10
C TYR B 185 -34.00 -26.38 12.88
N SER B 186 -32.92 -26.75 13.59
CA SER B 186 -32.93 -27.80 14.59
C SER B 186 -32.06 -27.34 15.75
N LEU B 187 -32.42 -27.81 16.95
CA LEU B 187 -31.50 -27.77 18.07
C LEU B 187 -31.71 -29.00 18.93
N SER B 188 -30.90 -29.08 19.96
CA SER B 188 -30.99 -30.13 20.96
C SER B 188 -30.93 -29.48 22.33
N SER B 189 -31.43 -30.22 23.31
CA SER B 189 -31.24 -29.91 24.70
C SER B 189 -30.82 -31.20 25.37
N VAL B 190 -29.86 -31.10 26.30
CA VAL B 190 -29.33 -32.27 27.00
C VAL B 190 -29.37 -32.03 28.49
N VAL B 191 -29.56 -33.10 29.26
CA VAL B 191 -29.34 -33.04 30.68
C VAL B 191 -28.51 -34.23 31.16
N THR B 192 -27.48 -33.95 31.95
CA THR B 192 -26.69 -35.01 32.53
C THR B 192 -27.34 -35.34 33.88
N VAL B 193 -27.68 -36.63 34.08
CA VAL B 193 -28.39 -37.07 35.27
C VAL B 193 -27.63 -38.21 35.97
N PRO B 194 -27.97 -38.50 37.24
CA PRO B 194 -27.50 -39.71 37.92
C PRO B 194 -27.96 -41.00 37.25
N SER B 195 -27.00 -41.83 36.84
CA SER B 195 -27.28 -43.08 36.16
C SER B 195 -28.33 -43.92 36.89
N SER B 196 -28.45 -43.73 38.21
CA SER B 196 -29.29 -44.55 39.04
C SER B 196 -30.71 -43.99 39.08
N SER B 197 -30.90 -42.74 38.65
CA SER B 197 -32.24 -42.18 38.48
C SER B 197 -32.92 -42.78 37.24
N LEU B 198 -32.15 -43.38 36.35
CA LEU B 198 -32.73 -43.84 35.10
C LEU B 198 -33.73 -44.93 35.41
N GLY B 199 -34.87 -44.92 34.73
CA GLY B 199 -35.85 -45.96 34.93
C GLY B 199 -36.60 -45.83 36.26
N THR B 200 -36.47 -44.71 37.00
CA THR B 200 -37.39 -44.40 38.09
C THR B 200 -37.88 -42.95 38.03
N GLN B 201 -36.95 -41.98 37.95
CA GLN B 201 -37.31 -40.60 37.72
C GLN B 201 -37.69 -40.41 36.25
N THR B 202 -38.69 -39.56 36.01
CA THR B 202 -39.21 -39.29 34.68
C THR B 202 -38.55 -38.05 34.09
N TYR B 203 -38.20 -38.15 32.80
CA TYR B 203 -37.56 -37.05 32.10
C TYR B 203 -38.39 -36.66 30.88
N ILE B 204 -38.94 -35.44 30.94
CA ILE B 204 -39.70 -34.86 29.84
C ILE B 204 -39.12 -33.51 29.47
N CYS B 205 -38.81 -33.32 28.19
CA CYS B 205 -38.45 -31.98 27.74
C CYS B 205 -39.72 -31.31 27.23
N ASN B 206 -39.81 -30.02 27.56
CA ASN B 206 -40.89 -29.15 27.15
C ASN B 206 -40.35 -28.16 26.15
N VAL B 207 -40.90 -28.22 24.96
CA VAL B 207 -40.34 -27.46 23.86
C VAL B 207 -41.39 -26.45 23.49
N ASN B 208 -40.98 -25.19 23.50
CA ASN B 208 -41.93 -24.12 23.20
C ASN B 208 -41.53 -23.41 21.91
N HIS B 209 -42.46 -23.38 20.96
CA HIS B 209 -42.26 -22.67 19.72
C HIS B 209 -43.37 -21.65 19.49
N LYS B 210 -43.18 -20.46 20.05
CA LYS B 210 -44.18 -19.38 20.01
C LYS B 210 -44.64 -19.09 18.57
N PRO B 211 -43.78 -19.02 17.54
CA PRO B 211 -44.23 -18.66 16.19
C PRO B 211 -45.30 -19.59 15.60
N SER B 212 -45.28 -20.89 15.97
CA SER B 212 -46.31 -21.86 15.57
C SER B 212 -47.36 -22.08 16.67
N ASN B 213 -47.16 -21.41 17.83
CA ASN B 213 -48.03 -21.54 18.98
C ASN B 213 -48.08 -23.00 19.42
N THR B 214 -46.94 -23.68 19.44
CA THR B 214 -46.96 -25.09 19.80
C THR B 214 -45.99 -25.27 20.95
N LYS B 215 -46.46 -26.06 21.91
CA LYS B 215 -45.62 -26.65 22.92
C LYS B 215 -45.66 -28.15 22.68
N VAL B 216 -44.49 -28.75 22.74
CA VAL B 216 -44.37 -30.17 22.53
C VAL B 216 -43.64 -30.78 23.74
N ASP B 217 -44.23 -31.85 24.26
CA ASP B 217 -43.60 -32.54 25.37
C ASP B 217 -43.07 -33.86 24.85
N LYS B 218 -41.87 -34.24 25.29
CA LYS B 218 -41.36 -35.54 24.89
C LYS B 218 -40.71 -36.14 26.13
N ARG B 219 -41.31 -37.25 26.56
CA ARG B 219 -40.80 -38.18 27.55
C ARG B 219 -39.63 -38.95 26.95
N VAL B 220 -38.51 -38.93 27.67
CA VAL B 220 -37.32 -39.59 27.15
C VAL B 220 -36.99 -40.75 28.07
N GLU B 221 -36.93 -41.96 27.51
CA GLU B 221 -36.85 -43.18 28.30
C GLU B 221 -35.59 -43.95 28.00
N PRO B 222 -34.97 -44.59 29.03
CA PRO B 222 -33.77 -45.41 28.84
C PRO B 222 -34.06 -46.48 27.79
N LYS B 223 -33.05 -46.88 27.02
CA LYS B 223 -33.22 -47.92 26.02
C LYS B 223 -32.58 -49.20 26.57
N SER B 224 -32.71 -50.29 25.81
CA SER B 224 -31.87 -51.47 25.98
C SER B 224 -31.03 -51.70 24.72
N ASN C 1 -4.88 -17.66 -7.02
CA ASN C 1 -5.53 -17.49 -5.70
C ASN C 1 -4.70 -18.22 -4.66
N PHE C 2 -5.10 -18.10 -3.40
CA PHE C 2 -4.38 -18.76 -2.33
C PHE C 2 -5.33 -18.79 -1.15
N MET C 3 -4.95 -19.54 -0.12
CA MET C 3 -5.72 -19.47 1.10
C MET C 3 -4.81 -19.01 2.23
N LEU C 4 -5.43 -18.50 3.29
CA LEU C 4 -4.73 -18.11 4.49
C LEU C 4 -5.17 -19.05 5.60
N THR C 5 -4.20 -19.72 6.21
CA THR C 5 -4.50 -20.72 7.23
C THR C 5 -4.01 -20.20 8.58
N GLN C 6 -4.94 -20.06 9.50
CA GLN C 6 -4.67 -19.67 10.88
C GLN C 6 -4.94 -20.86 11.79
N PRO C 7 -4.37 -20.93 13.00
CA PRO C 7 -4.77 -21.93 13.98
C PRO C 7 -6.22 -21.72 14.38
N HIS C 8 -6.88 -22.81 14.75
CA HIS C 8 -8.27 -22.75 15.10
C HIS C 8 -8.42 -21.98 16.39
N SER C 9 -7.49 -22.19 17.35
CA SER C 9 -7.58 -21.43 18.57
C SER C 9 -6.24 -21.31 19.26
N VAL C 10 -6.14 -20.30 20.10
CA VAL C 10 -4.95 -20.02 20.91
C VAL C 10 -5.44 -19.52 22.27
N SER C 11 -4.70 -19.85 23.33
CA SER C 11 -5.04 -19.29 24.62
C SER C 11 -3.79 -18.84 25.36
N GLU C 12 -3.98 -17.84 26.21
CA GLU C 12 -2.93 -17.44 27.12
C GLU C 12 -3.59 -16.76 28.29
N SER C 13 -2.83 -16.69 29.39
CA SER C 13 -3.29 -16.10 30.63
C SER C 13 -3.12 -14.58 30.55
N PRO C 14 -3.88 -13.83 31.37
CA PRO C 14 -3.77 -12.38 31.39
C PRO C 14 -2.34 -11.91 31.66
N GLY C 15 -2.01 -10.75 31.09
CA GLY C 15 -0.69 -10.17 31.21
C GLY C 15 0.32 -10.82 30.25
N LYS C 16 0.02 -12.01 29.76
CA LYS C 16 1.02 -12.67 28.92
C LYS C 16 0.91 -12.17 27.47
N THR C 17 1.81 -12.67 26.63
CA THR C 17 1.82 -12.32 25.23
C THR C 17 1.40 -13.52 24.40
N VAL C 18 0.59 -13.30 23.37
CA VAL C 18 0.24 -14.38 22.48
C VAL C 18 0.48 -13.95 21.02
N THR C 19 0.77 -14.92 20.18
CA THR C 19 0.97 -14.70 18.76
C THR C 19 0.05 -15.63 17.99
N ILE C 20 -0.60 -15.11 16.93
CA ILE C 20 -1.49 -15.85 16.04
C ILE C 20 -0.92 -15.75 14.65
N SER C 21 -0.69 -16.87 14.00
CA SER C 21 -0.04 -16.82 12.70
C SER C 21 -1.07 -17.01 11.59
N CYS C 22 -0.63 -16.74 10.35
CA CYS C 22 -1.51 -16.80 9.21
C CYS C 22 -0.66 -17.16 8.02
N THR C 23 -0.85 -18.35 7.48
CA THR C 23 0.05 -18.92 6.50
C THR C 23 -0.58 -18.86 5.12
N ARG C 24 0.18 -18.33 4.14
CA ARG C 24 -0.33 -18.18 2.81
C ARG C 24 0.01 -19.41 2.00
N SER C 25 -0.95 -19.97 1.26
CA SER C 25 -0.79 -21.29 0.69
C SER C 25 0.06 -21.25 -0.56
N SER C 26 -0.03 -20.18 -1.39
CA SER C 26 0.85 -20.00 -2.51
C SER C 26 1.07 -18.53 -2.83
N GLY C 27 2.23 -18.25 -3.44
CA GLY C 27 2.74 -16.88 -3.54
C GLY C 27 3.28 -16.46 -2.18
N SER C 28 4.08 -15.41 -2.16
CA SER C 28 4.74 -14.96 -0.94
C SER C 28 3.81 -14.12 -0.10
N ILE C 29 3.86 -14.35 1.21
CA ILE C 29 3.06 -13.58 2.14
C ILE C 29 3.37 -12.08 2.00
N ASP C 30 4.57 -11.78 1.48
CA ASP C 30 5.05 -10.41 1.45
C ASP C 30 4.69 -9.72 0.15
N SER C 31 4.04 -10.43 -0.79
CA SER C 31 3.59 -9.86 -2.04
C SER C 31 2.45 -8.84 -1.88
N ASN C 32 1.61 -9.01 -0.83
CA ASN C 32 0.41 -8.24 -0.63
C ASN C 32 0.31 -7.93 0.85
N TYR C 33 -0.30 -6.78 1.16
CA TYR C 33 -0.45 -6.39 2.54
C TYR C 33 -1.36 -7.35 3.28
N VAL C 34 -1.11 -7.45 4.59
CA VAL C 34 -1.91 -8.26 5.48
C VAL C 34 -2.55 -7.33 6.49
N GLN C 35 -3.84 -7.55 6.66
CA GLN C 35 -4.61 -6.94 7.74
C GLN C 35 -5.07 -8.00 8.73
N TRP C 36 -5.40 -7.56 9.93
CA TRP C 36 -5.96 -8.35 11.02
C TRP C 36 -7.19 -7.61 11.51
N TYR C 37 -8.24 -8.41 11.84
CA TYR C 37 -9.47 -7.93 12.43
C TYR C 37 -9.76 -8.68 13.72
N GLN C 38 -10.33 -7.94 14.68
CA GLN C 38 -10.90 -8.46 15.90
C GLN C 38 -12.40 -8.50 15.73
N GLN C 39 -13.00 -9.64 16.11
CA GLN C 39 -14.44 -9.69 16.16
C GLN C 39 -14.85 -10.26 17.49
N ARG C 40 -15.57 -9.43 18.27
CA ARG C 40 -16.21 -9.88 19.50
C ARG C 40 -17.57 -10.48 19.21
N PRO C 41 -18.14 -11.27 20.14
CA PRO C 41 -19.49 -11.83 19.90
C PRO C 41 -20.54 -10.75 19.63
N GLY C 42 -21.35 -10.96 18.59
CA GLY C 42 -22.46 -10.06 18.28
C GLY C 42 -22.05 -8.75 17.58
N SER C 43 -20.74 -8.51 17.42
CA SER C 43 -20.27 -7.28 16.81
C SER C 43 -19.78 -7.51 15.38
N ALA C 44 -19.78 -6.44 14.61
CA ALA C 44 -19.04 -6.41 13.36
C ALA C 44 -17.53 -6.45 13.65
N PRO C 45 -16.71 -6.94 12.69
CA PRO C 45 -15.26 -6.91 12.84
C PRO C 45 -14.75 -5.47 12.93
N THR C 46 -13.62 -5.28 13.65
CA THR C 46 -12.89 -4.02 13.62
C THR C 46 -11.43 -4.31 13.28
N ILE C 47 -10.77 -3.35 12.60
CA ILE C 47 -9.42 -3.54 12.13
C ILE C 47 -8.47 -3.29 13.28
N VAL C 48 -7.44 -4.14 13.44
CA VAL C 48 -6.45 -3.95 14.46
C VAL C 48 -5.05 -3.81 13.89
N ILE C 49 -4.78 -4.34 12.69
CA ILE C 49 -3.52 -4.13 12.00
C ILE C 49 -3.79 -3.96 10.51
N HIS C 50 -3.07 -3.05 9.85
CA HIS C 50 -3.20 -2.87 8.41
C HIS C 50 -1.79 -2.70 7.85
N GLU C 51 -1.60 -3.07 6.59
CA GLU C 51 -0.32 -2.93 5.90
C GLU C 51 0.76 -3.65 6.69
N ASP C 52 0.39 -4.86 7.11
CA ASP C 52 1.28 -5.88 7.70
C ASP C 52 1.53 -5.63 9.18
N ASN C 53 1.90 -4.39 9.52
CA ASN C 53 2.32 -4.11 10.90
C ASN C 53 1.99 -2.69 11.36
N GLN C 54 1.06 -1.99 10.70
CA GLN C 54 0.69 -0.65 11.15
C GLN C 54 -0.57 -0.74 11.99
N ARG C 55 -0.63 0.10 13.03
CA ARG C 55 -1.68 0.04 14.03
C ARG C 55 -2.67 1.17 13.72
N PRO C 56 -3.97 0.90 13.54
CA PRO C 56 -4.93 1.98 13.30
C PRO C 56 -4.98 2.93 14.50
N SER C 57 -5.36 4.19 14.20
CA SER C 57 -5.55 5.24 15.20
C SER C 57 -6.41 4.62 16.31
N GLY C 58 -5.88 4.54 17.54
CA GLY C 58 -6.70 4.06 18.65
C GLY C 58 -6.65 2.56 18.95
N VAL C 59 -5.94 1.76 18.15
CA VAL C 59 -5.63 0.42 18.58
C VAL C 59 -4.46 0.52 19.56
N PRO C 60 -4.47 -0.14 20.74
CA PRO C 60 -3.33 -0.07 21.65
C PRO C 60 -2.06 -0.74 21.13
N ASP C 61 -0.96 -0.27 21.72
CA ASP C 61 0.39 -0.62 21.29
C ASP C 61 0.70 -2.03 21.75
N ARG C 62 -0.22 -2.66 22.46
CA ARG C 62 -0.11 -4.09 22.75
C ARG C 62 -0.33 -4.93 21.50
N PHE C 63 -0.94 -4.36 20.47
CA PHE C 63 -1.18 -5.08 19.24
C PHE C 63 -0.05 -4.80 18.26
N SER C 64 0.58 -5.84 17.75
CA SER C 64 1.56 -5.60 16.69
C SER C 64 1.43 -6.69 15.66
N GLY C 65 1.96 -6.39 14.47
CA GLY C 65 1.96 -7.37 13.41
C GLY C 65 3.34 -7.59 12.85
N SER C 66 3.55 -8.76 12.21
CA SER C 66 4.80 -9.04 11.55
C SER C 66 4.57 -10.02 10.42
N ILE C 67 5.60 -10.08 9.56
CA ILE C 67 5.68 -10.99 8.45
C ILE C 67 6.92 -11.87 8.63
N ASP C 68 6.76 -13.17 8.41
CA ASP C 68 7.89 -14.09 8.40
C ASP C 68 7.93 -14.82 7.07
N THR C 69 8.80 -14.35 6.20
CA THR C 69 9.12 -14.94 4.90
C THR C 69 9.59 -16.40 5.01
N SER C 70 10.33 -16.79 6.07
CA SER C 70 10.72 -18.20 6.30
C SER C 70 9.52 -19.13 6.21
N SER C 71 8.46 -18.79 6.93
CA SER C 71 7.33 -19.68 7.05
C SER C 71 6.17 -19.27 6.13
N ASN C 72 6.39 -18.21 5.31
CA ASN C 72 5.36 -17.65 4.46
C ASN C 72 4.12 -17.24 5.26
N SER C 73 4.30 -16.56 6.37
CA SER C 73 3.20 -16.32 7.28
C SER C 73 3.24 -14.91 7.83
N ALA C 74 2.08 -14.43 8.26
CA ALA C 74 1.97 -13.19 8.99
C ALA C 74 1.57 -13.56 10.40
N SER C 75 1.87 -12.65 11.30
CA SER C 75 1.47 -12.90 12.65
C SER C 75 0.95 -11.63 13.26
N LEU C 76 -0.07 -11.81 14.09
CA LEU C 76 -0.54 -10.84 15.05
C LEU C 76 -0.08 -11.26 16.44
N THR C 77 0.53 -10.30 17.15
CA THR C 77 1.03 -10.55 18.49
C THR C 77 0.35 -9.55 19.43
N ILE C 78 -0.23 -10.05 20.52
CA ILE C 78 -0.82 -9.18 21.53
C ILE C 78 -0.07 -9.34 22.83
N SER C 79 0.62 -8.27 23.25
CA SER C 79 1.29 -8.27 24.54
C SER C 79 0.31 -7.78 25.61
N GLY C 80 0.60 -8.18 26.85
CA GLY C 80 -0.12 -7.69 28.03
C GLY C 80 -1.61 -8.02 28.02
N LEU C 81 -1.94 -9.28 27.69
CA LEU C 81 -3.31 -9.69 27.46
C LEU C 81 -4.24 -9.22 28.57
N LYS C 82 -5.37 -8.67 28.15
CA LYS C 82 -6.49 -8.29 29.02
C LYS C 82 -7.67 -9.16 28.61
N THR C 83 -8.67 -9.26 29.49
CA THR C 83 -9.75 -10.21 29.31
C THR C 83 -10.57 -9.79 28.09
N GLU C 84 -10.51 -8.49 27.78
CA GLU C 84 -11.34 -7.94 26.70
C GLU C 84 -10.73 -8.24 25.34
N ASP C 85 -9.50 -8.73 25.33
CA ASP C 85 -8.90 -9.10 24.05
C ASP C 85 -9.43 -10.44 23.54
N GLU C 86 -10.21 -11.14 24.37
CA GLU C 86 -10.79 -12.42 23.98
C GLU C 86 -11.78 -12.14 22.87
N ALA C 87 -11.60 -12.82 21.72
CA ALA C 87 -12.28 -12.47 20.51
C ALA C 87 -11.85 -13.44 19.42
N ASP C 88 -12.55 -13.39 18.29
CA ASP C 88 -12.06 -14.02 17.09
C ASP C 88 -11.17 -13.06 16.32
N TYR C 89 -10.07 -13.60 15.72
CA TYR C 89 -9.11 -12.78 15.02
C TYR C 89 -8.95 -13.38 13.63
N TYR C 90 -9.05 -12.50 12.60
CA TYR C 90 -8.92 -12.93 11.21
C TYR C 90 -7.81 -12.16 10.54
N CYS C 91 -6.99 -12.84 9.75
CA CYS C 91 -6.09 -12.16 8.85
C CYS C 91 -6.72 -12.06 7.47
N GLN C 92 -6.16 -11.20 6.63
CA GLN C 92 -6.74 -10.92 5.32
C GLN C 92 -5.68 -10.31 4.45
N SER C 93 -5.71 -10.73 3.19
CA SER C 93 -4.84 -10.21 2.14
C SER C 93 -5.63 -10.35 0.84
N TYR C 94 -4.94 -10.37 -0.30
CA TYR C 94 -5.60 -10.26 -1.59
C TYR C 94 -4.51 -10.60 -2.58
N ASP C 95 -4.91 -11.02 -3.77
CA ASP C 95 -4.15 -10.82 -5.00
C ASP C 95 -4.75 -9.62 -5.74
N PRO C 96 -4.23 -9.29 -6.93
CA PRO C 96 -4.68 -8.04 -7.54
C PRO C 96 -6.17 -8.02 -7.93
N SER C 97 -6.89 -9.16 -7.83
CA SER C 97 -8.34 -9.08 -7.90
C SER C 97 -9.01 -9.33 -6.53
N ASN C 98 -8.74 -10.50 -5.91
CA ASN C 98 -9.62 -11.07 -4.88
C ASN C 98 -9.08 -10.95 -3.48
N VAL C 99 -10.03 -10.77 -2.55
CA VAL C 99 -9.72 -10.63 -1.18
C VAL C 99 -9.83 -12.02 -0.56
N VAL C 100 -8.86 -12.36 0.28
CA VAL C 100 -8.83 -13.64 0.96
C VAL C 100 -8.82 -13.36 2.44
N PHE C 101 -9.70 -14.03 3.19
CA PHE C 101 -9.66 -14.05 4.64
C PHE C 101 -9.16 -15.42 5.08
N GLY C 102 -8.40 -15.41 6.17
CA GLY C 102 -8.11 -16.64 6.88
C GLY C 102 -9.37 -17.12 7.59
N GLY C 103 -9.29 -18.36 8.05
CA GLY C 103 -10.44 -19.01 8.68
C GLY C 103 -10.82 -18.40 10.00
N GLY C 104 -9.95 -17.62 10.64
CA GLY C 104 -10.28 -17.11 11.94
C GLY C 104 -9.64 -17.95 13.05
N THR C 105 -9.22 -17.26 14.11
CA THR C 105 -8.66 -17.86 15.30
C THR C 105 -9.45 -17.32 16.49
N LYS C 106 -10.02 -18.22 17.32
CA LYS C 106 -10.49 -17.83 18.63
C LYS C 106 -9.35 -17.66 19.65
N LEU C 107 -9.30 -16.47 20.27
CA LEU C 107 -8.31 -16.18 21.30
C LEU C 107 -9.05 -16.23 22.62
N THR C 108 -8.67 -17.23 23.44
CA THR C 108 -9.13 -17.32 24.81
C THR C 108 -8.06 -16.73 25.73
N VAL C 109 -8.52 -15.81 26.56
CA VAL C 109 -7.72 -15.37 27.67
C VAL C 109 -8.15 -16.19 28.88
N LEU C 110 -7.26 -17.09 29.31
CA LEU C 110 -7.57 -18.12 30.29
C LEU C 110 -8.01 -17.50 31.61
N GLY C 111 -9.19 -17.88 32.07
CA GLY C 111 -9.66 -17.42 33.37
C GLY C 111 -10.32 -18.52 34.22
N GLN C 112 -10.28 -19.76 33.73
CA GLN C 112 -10.67 -20.94 34.48
C GLN C 112 -9.77 -22.09 34.05
N PRO C 113 -9.74 -23.23 34.76
CA PRO C 113 -8.90 -24.35 34.35
C PRO C 113 -9.38 -24.93 33.02
N LYS C 114 -8.38 -25.30 32.21
CA LYS C 114 -8.60 -26.07 31.02
C LYS C 114 -9.33 -27.34 31.43
N ALA C 115 -10.22 -27.80 30.54
CA ALA C 115 -11.19 -28.84 30.86
C ALA C 115 -11.57 -29.57 29.57
N ALA C 116 -11.31 -30.88 29.57
CA ALA C 116 -11.46 -31.71 28.38
C ALA C 116 -12.94 -31.98 28.18
N PRO C 117 -13.39 -32.00 26.92
CA PRO C 117 -14.83 -32.22 26.67
C PRO C 117 -15.32 -33.60 27.03
N SER C 118 -16.54 -33.67 27.53
CA SER C 118 -17.26 -34.90 27.63
C SER C 118 -18.11 -35.04 26.36
N VAL C 119 -18.11 -36.23 25.76
CA VAL C 119 -18.73 -36.43 24.47
C VAL C 119 -19.72 -37.59 24.56
N THR C 120 -20.93 -37.37 24.01
CA THR C 120 -21.90 -38.44 23.91
C THR C 120 -22.42 -38.43 22.49
N LEU C 121 -22.41 -39.59 21.85
CA LEU C 121 -22.94 -39.75 20.51
C LEU C 121 -24.19 -40.61 20.57
N PHE C 122 -25.32 -40.00 20.14
CA PHE C 122 -26.61 -40.67 20.12
C PHE C 122 -26.93 -41.18 18.74
N PRO C 123 -27.35 -42.46 18.59
CA PRO C 123 -27.74 -42.98 17.31
C PRO C 123 -29.10 -42.41 17.01
N PRO C 124 -29.57 -42.60 15.78
CA PRO C 124 -30.92 -42.21 15.42
C PRO C 124 -31.93 -42.87 16.37
N SER C 125 -32.98 -42.18 16.80
CA SER C 125 -34.02 -42.80 17.60
C SER C 125 -34.90 -43.70 16.72
N SER C 126 -35.59 -44.66 17.34
CA SER C 126 -36.51 -45.43 16.53
C SER C 126 -37.67 -44.53 16.08
N GLU C 127 -38.03 -43.50 16.86
CA GLU C 127 -39.10 -42.63 16.41
C GLU C 127 -38.68 -41.99 15.08
N GLU C 128 -37.42 -41.55 14.96
CA GLU C 128 -37.03 -40.83 13.76
C GLU C 128 -36.94 -41.80 12.58
N LEU C 129 -36.38 -43.01 12.78
CA LEU C 129 -36.30 -44.01 11.72
C LEU C 129 -37.69 -44.37 11.23
N GLN C 130 -38.67 -44.41 12.14
CA GLN C 130 -40.05 -44.73 11.82
C GLN C 130 -40.63 -43.65 10.91
N ALA C 131 -40.09 -42.42 11.00
CA ALA C 131 -40.46 -41.31 10.14
C ALA C 131 -39.53 -41.22 8.92
N ASN C 132 -38.76 -42.29 8.71
CA ASN C 132 -37.93 -42.44 7.54
C ASN C 132 -36.84 -41.37 7.52
N LYS C 133 -36.37 -40.98 8.71
CA LYS C 133 -35.23 -40.09 8.78
C LYS C 133 -34.25 -40.67 9.79
N ALA C 134 -33.04 -40.10 9.81
CA ALA C 134 -31.99 -40.51 10.71
C ALA C 134 -31.09 -39.33 11.01
N THR C 135 -30.82 -39.08 12.29
CA THR C 135 -29.88 -38.03 12.69
C THR C 135 -29.00 -38.59 13.78
N LEU C 136 -27.69 -38.54 13.54
CA LEU C 136 -26.73 -38.85 14.57
C LEU C 136 -26.50 -37.52 15.28
N VAL C 137 -26.51 -37.55 16.60
CA VAL C 137 -26.30 -36.35 17.39
C VAL C 137 -25.10 -36.56 18.31
N CYS C 138 -24.13 -35.68 18.11
CA CYS C 138 -22.92 -35.62 18.92
C CYS C 138 -22.90 -34.37 19.82
N LEU C 139 -23.11 -34.60 21.10
CA LEU C 139 -23.14 -33.52 22.06
C LEU C 139 -21.85 -33.49 22.87
N ILE C 140 -21.34 -32.28 23.03
CA ILE C 140 -20.03 -32.05 23.58
C ILE C 140 -20.19 -31.04 24.70
N SER C 141 -19.75 -31.38 25.91
CA SER C 141 -19.93 -30.43 26.99
C SER C 141 -18.73 -30.36 27.91
N ASP C 142 -18.83 -29.34 28.80
CA ASP C 142 -17.96 -29.13 29.94
C ASP C 142 -16.51 -29.00 29.51
N PHE C 143 -16.24 -28.20 28.47
CA PHE C 143 -14.87 -27.98 28.02
C PHE C 143 -14.48 -26.52 28.11
N TYR C 144 -13.17 -26.29 28.22
CA TYR C 144 -12.60 -24.96 28.30
C TYR C 144 -11.15 -25.11 27.91
N PRO C 145 -10.60 -24.27 27.00
CA PRO C 145 -11.33 -23.20 26.34
C PRO C 145 -12.43 -23.66 25.40
N GLY C 146 -13.31 -22.70 25.02
CA GLY C 146 -14.47 -22.94 24.17
C GLY C 146 -14.16 -22.95 22.67
N ALA C 147 -13.28 -23.87 22.29
CA ALA C 147 -12.89 -24.10 20.92
C ALA C 147 -12.67 -25.60 20.71
N VAL C 148 -13.35 -26.15 19.68
CA VAL C 148 -13.24 -27.54 19.27
C VAL C 148 -13.40 -27.67 17.77
N THR C 149 -12.78 -28.73 17.24
CA THR C 149 -13.11 -29.22 15.92
C THR C 149 -13.79 -30.58 16.04
N VAL C 150 -14.76 -30.80 15.15
CA VAL C 150 -15.54 -32.04 15.13
C VAL C 150 -15.40 -32.62 13.74
N ALA C 151 -15.03 -33.90 13.67
CA ALA C 151 -15.02 -34.62 12.41
C ALA C 151 -15.93 -35.84 12.54
N TRP C 152 -16.54 -36.23 11.41
CA TRP C 152 -17.40 -37.39 11.34
C TRP C 152 -16.81 -38.44 10.39
N LYS C 153 -17.06 -39.70 10.72
CA LYS C 153 -16.55 -40.79 9.92
C LYS C 153 -17.67 -41.84 9.86
N ALA C 154 -17.95 -42.31 8.65
CA ALA C 154 -18.79 -43.46 8.41
C ALA C 154 -17.92 -44.56 7.83
N ASP C 155 -17.66 -45.60 8.61
CA ASP C 155 -16.67 -46.62 8.31
C ASP C 155 -15.36 -45.91 7.97
N SER C 156 -14.87 -46.05 6.73
CA SER C 156 -13.58 -45.53 6.30
C SER C 156 -13.69 -44.11 5.71
N SER C 157 -14.92 -43.56 5.68
CA SER C 157 -15.24 -42.36 4.91
C SER C 157 -15.39 -41.14 5.84
N PRO C 158 -14.52 -40.14 5.72
CA PRO C 158 -14.78 -38.84 6.34
C PRO C 158 -16.03 -38.26 5.67
N VAL C 159 -16.86 -37.60 6.49
CA VAL C 159 -18.17 -37.12 6.08
C VAL C 159 -18.27 -35.64 6.42
N LYS C 160 -18.69 -34.86 5.43
CA LYS C 160 -19.08 -33.48 5.60
C LYS C 160 -20.53 -33.25 5.15
N ALA C 161 -20.96 -33.88 4.05
CA ALA C 161 -22.35 -33.78 3.60
C ALA C 161 -23.31 -34.19 4.72
N GLY C 162 -24.30 -33.34 4.99
CA GLY C 162 -25.33 -33.62 5.96
C GLY C 162 -24.85 -33.28 7.36
N VAL C 163 -23.69 -32.62 7.49
CA VAL C 163 -23.17 -32.26 8.79
C VAL C 163 -23.50 -30.82 9.12
N GLU C 164 -24.01 -30.60 10.33
CA GLU C 164 -24.12 -29.24 10.85
C GLU C 164 -23.56 -29.23 12.25
N THR C 165 -22.85 -28.15 12.56
CA THR C 165 -22.20 -28.03 13.85
C THR C 165 -22.44 -26.64 14.44
N THR C 166 -22.69 -26.59 15.75
CA THR C 166 -22.82 -25.32 16.43
C THR C 166 -21.48 -24.83 16.95
N THR C 167 -21.38 -23.51 17.02
CA THR C 167 -20.26 -22.83 17.64
C THR C 167 -20.41 -22.98 19.14
N PRO C 168 -19.30 -23.22 19.88
CA PRO C 168 -19.40 -23.47 21.32
C PRO C 168 -20.07 -22.31 22.05
N SER C 169 -20.83 -22.65 23.09
CA SER C 169 -21.46 -21.62 23.89
C SER C 169 -21.45 -22.04 25.35
N LYS C 170 -21.65 -21.02 26.19
CA LYS C 170 -21.38 -21.14 27.60
C LYS C 170 -22.54 -21.90 28.22
N GLN C 171 -22.23 -22.87 29.05
CA GLN C 171 -23.22 -23.54 29.90
C GLN C 171 -23.43 -22.72 31.17
N SER C 172 -24.37 -23.14 32.02
CA SER C 172 -24.68 -22.39 33.23
C SER C 172 -23.57 -22.55 34.27
N ASN C 173 -22.67 -23.53 34.08
CA ASN C 173 -21.52 -23.68 34.97
C ASN C 173 -20.28 -22.96 34.45
N ASN C 174 -20.43 -22.06 33.46
CA ASN C 174 -19.34 -21.27 32.91
C ASN C 174 -18.38 -22.05 31.99
N LYS C 175 -18.51 -23.38 31.83
CA LYS C 175 -17.74 -24.07 30.79
C LYS C 175 -18.54 -24.06 29.48
N TYR C 176 -17.98 -24.68 28.44
CA TYR C 176 -18.57 -24.65 27.10
C TYR C 176 -19.11 -26.00 26.64
N ALA C 177 -20.07 -25.88 25.72
CA ALA C 177 -20.65 -27.04 25.06
C ALA C 177 -20.82 -26.75 23.57
N ALA C 178 -20.80 -27.81 22.77
CA ALA C 178 -21.13 -27.68 21.36
C ALA C 178 -21.90 -28.93 20.90
N SER C 179 -22.57 -28.81 19.76
CA SER C 179 -23.39 -29.88 19.22
C SER C 179 -22.98 -30.08 17.77
N SER C 180 -23.03 -31.34 17.33
CA SER C 180 -22.88 -31.63 15.92
C SER C 180 -23.89 -32.67 15.45
N TYR C 181 -24.24 -32.61 14.18
CA TYR C 181 -25.32 -33.44 13.67
C TYR C 181 -24.87 -34.04 12.35
N LEU C 182 -25.29 -35.28 12.10
CA LEU C 182 -25.14 -35.88 10.79
C LEU C 182 -26.48 -36.44 10.36
N SER C 183 -27.06 -35.86 9.31
CA SER C 183 -28.30 -36.32 8.71
C SER C 183 -27.98 -37.40 7.71
N LEU C 184 -28.71 -38.50 7.78
CA LEU C 184 -28.52 -39.50 6.76
C LEU C 184 -29.85 -40.20 6.53
N THR C 185 -29.95 -41.00 5.48
CA THR C 185 -31.15 -41.79 5.28
C THR C 185 -31.06 -43.00 6.18
N PRO C 186 -32.20 -43.64 6.52
CA PRO C 186 -32.19 -44.90 7.28
C PRO C 186 -31.39 -45.99 6.56
N GLU C 187 -31.40 -45.97 5.21
CA GLU C 187 -30.61 -46.92 4.43
C GLU C 187 -29.12 -46.67 4.68
N GLN C 188 -28.66 -45.41 4.64
CA GLN C 188 -27.27 -45.10 4.93
C GLN C 188 -26.90 -45.58 6.32
N TRP C 189 -27.78 -45.27 7.28
CA TRP C 189 -27.59 -45.65 8.66
C TRP C 189 -27.34 -47.16 8.76
N LYS C 190 -28.23 -47.93 8.09
CA LYS C 190 -28.26 -49.37 8.27
C LYS C 190 -27.19 -50.04 7.40
N SER C 191 -26.59 -49.30 6.47
CA SER C 191 -25.65 -49.89 5.53
C SER C 191 -24.20 -49.57 5.90
N HIS C 192 -23.96 -48.94 7.04
CA HIS C 192 -22.60 -48.82 7.52
C HIS C 192 -22.42 -49.65 8.77
N ARG C 193 -21.19 -50.14 8.98
CA ARG C 193 -20.85 -50.90 10.17
C ARG C 193 -20.86 -49.95 11.38
N SER C 194 -20.28 -48.76 11.20
CA SER C 194 -20.32 -47.79 12.30
C SER C 194 -19.99 -46.40 11.85
N TYR C 195 -20.41 -45.48 12.74
CA TYR C 195 -20.26 -44.04 12.56
C TYR C 195 -19.50 -43.53 13.78
N SER C 196 -18.58 -42.59 13.59
CA SER C 196 -17.83 -41.98 14.68
C SER C 196 -17.90 -40.47 14.65
N CYS C 197 -18.06 -39.91 15.84
CA CYS C 197 -17.88 -38.51 16.11
C CYS C 197 -16.48 -38.34 16.72
N GLN C 198 -15.63 -37.48 16.13
CA GLN C 198 -14.29 -37.24 16.65
C GLN C 198 -14.17 -35.77 17.04
N VAL C 199 -13.86 -35.53 18.30
CA VAL C 199 -13.74 -34.20 18.84
C VAL C 199 -12.30 -33.92 19.26
N THR C 200 -11.80 -32.83 18.70
CA THR C 200 -10.46 -32.38 19.04
C THR C 200 -10.52 -31.11 19.86
N HIS C 201 -9.83 -31.16 21.00
CA HIS C 201 -9.76 -30.04 21.93
C HIS C 201 -8.34 -29.93 22.49
N GLU C 202 -7.77 -28.72 22.39
CA GLU C 202 -6.42 -28.41 22.82
C GLU C 202 -5.45 -29.49 22.35
N GLY C 203 -5.63 -29.92 21.09
CA GLY C 203 -4.69 -30.81 20.45
C GLY C 203 -4.92 -32.27 20.78
N SER C 204 -5.88 -32.60 21.66
CA SER C 204 -6.23 -33.98 21.93
C SER C 204 -7.58 -34.36 21.29
N THR C 205 -7.62 -35.54 20.66
CA THR C 205 -8.81 -36.04 19.98
C THR C 205 -9.47 -37.15 20.78
N VAL C 206 -10.77 -37.01 21.04
CA VAL C 206 -11.62 -38.05 21.57
C VAL C 206 -12.51 -38.55 20.45
N GLU C 207 -12.84 -39.85 20.48
CA GLU C 207 -13.73 -40.44 19.49
C GLU C 207 -14.85 -41.21 20.21
N LYS C 208 -16.11 -40.99 19.78
CA LYS C 208 -17.25 -41.80 20.17
C LYS C 208 -17.85 -42.45 18.92
N THR C 209 -18.33 -43.68 19.06
CA THR C 209 -18.77 -44.50 17.94
C THR C 209 -20.12 -45.13 18.28
N VAL C 210 -21.00 -45.27 17.28
CA VAL C 210 -22.26 -46.01 17.45
C VAL C 210 -22.40 -46.88 16.22
N ALA C 211 -23.15 -47.97 16.34
CA ALA C 211 -23.41 -48.85 15.22
C ALA C 211 -24.86 -49.28 15.18
N PRO C 212 -25.41 -49.49 13.97
CA PRO C 212 -26.79 -49.95 13.84
C PRO C 212 -26.97 -51.30 14.52
N THR C 213 -25.92 -52.10 14.61
CA THR C 213 -26.10 -53.46 15.13
C THR C 213 -25.76 -53.60 16.61
N GLU C 214 -25.52 -52.50 17.32
CA GLU C 214 -25.06 -52.59 18.70
C GLU C 214 -25.85 -51.64 19.59
N CYS C 215 -26.08 -52.08 20.84
CA CYS C 215 -26.63 -51.22 21.88
C CYS C 215 -25.53 -50.34 22.48
N SER C 216 -25.83 -49.03 22.59
CA SER C 216 -24.83 -47.97 22.76
C SER C 216 -25.01 -47.23 24.09
C1 EDO D . 3.78 10.01 5.66
O1 EDO D . 4.67 11.12 5.82
C2 EDO D . 2.72 10.36 4.66
O2 EDO D . 1.63 9.48 4.77
H11 EDO D . 3.35 9.81 6.53
H12 EDO D . 4.27 9.23 5.35
HO1 EDO D . 5.26 10.91 6.40
H21 EDO D . 3.10 10.29 3.76
H22 EDO D . 2.42 11.28 4.82
HO2 EDO D . 1.89 8.68 4.62
C1 EDO E . 6.10 2.97 -17.35
O1 EDO E . 4.73 2.70 -17.40
C2 EDO E . 6.80 2.52 -18.57
O2 EDO E . 6.57 1.16 -18.88
H11 EDO E . 6.49 2.52 -16.58
H12 EDO E . 6.23 3.93 -17.24
HO1 EDO E . 4.38 2.98 -16.68
H21 EDO E . 7.76 2.66 -18.45
H22 EDO E . 6.52 3.07 -19.33
HO2 EDO E . 6.01 0.84 -18.32
C1 EDO F . 9.63 0.72 -20.02
O1 EDO F . 8.75 -0.18 -19.36
C2 EDO F . 11.06 0.35 -19.91
O2 EDO F . 11.42 -0.77 -20.76
H11 EDO F . 9.51 1.62 -19.64
H12 EDO F . 9.39 0.77 -20.97
HO1 EDO F . 7.95 0.08 -19.46
H21 EDO F . 11.26 0.12 -18.98
H22 EDO F . 11.61 1.12 -20.17
HO2 EDO F . 11.24 -0.58 -21.57
C1 EDO G . 1.59 49.69 -24.10
O1 EDO G . 1.96 51.03 -24.35
C2 EDO G . 0.17 49.38 -24.36
O2 EDO G . -0.20 49.57 -25.72
H11 EDO G . 1.79 49.49 -23.16
H12 EDO G . 2.15 49.11 -24.66
HO1 EDO G . 2.78 51.14 -24.17
H21 EDO G . -0.39 49.95 -23.80
H22 EDO G . 0.00 48.45 -24.12
HO2 EDO G . 0.37 49.18 -26.22
C1 EDO H . 32.69 -0.83 -17.61
O1 EDO H . 31.60 -1.72 -17.88
C2 EDO H . 33.18 -0.93 -16.21
O2 EDO H . 32.17 -1.08 -15.19
H11 EDO H . 32.41 0.09 -17.78
H12 EDO H . 33.44 -1.03 -18.21
HO1 EDO H . 31.36 -1.63 -18.68
H21 EDO H . 33.69 -0.13 -16.01
H22 EDO H . 33.79 -1.69 -16.15
HO2 EDO H . 31.43 -1.27 -15.55
C1 EDO I . 8.27 19.94 -18.13
O1 EDO I . 8.68 18.92 -18.99
C2 EDO I . 8.99 21.24 -18.33
O2 EDO I . 10.40 21.34 -17.98
H11 EDO I . 8.41 19.66 -17.21
H12 EDO I . 7.32 20.11 -18.26
HO1 EDO I . 8.24 18.22 -18.82
H21 EDO I . 8.51 21.93 -17.83
H22 EDO I . 8.91 21.47 -19.28
HO2 EDO I . 10.79 20.62 -18.18
P PO4 J . -8.26 13.85 -2.00
O1 PO4 J . -7.39 14.93 -2.79
O2 PO4 J . -7.31 12.73 -1.50
O3 PO4 J . -8.94 14.50 -0.78
O4 PO4 J . -9.42 13.28 -2.92
C1 EDO K . -9.08 -27.29 18.54
O1 EDO K . -9.14 -25.88 18.63
C2 EDO K . -7.87 -27.79 17.87
O2 EDO K . -6.92 -28.36 18.78
H11 EDO K . -9.87 -27.61 18.05
H12 EDO K . -9.10 -27.66 19.45
HO1 EDO K . -9.84 -25.64 19.02
H21 EDO K . -7.45 -27.05 17.38
H22 EDO K . -8.14 -28.47 17.21
HO2 EDO K . -6.55 -27.73 19.22
C1 EDO L . 0.36 -10.45 -6.84
O1 EDO L . 0.62 -9.29 -6.13
C2 EDO L . 0.74 -11.70 -6.10
O2 EDO L . -0.27 -12.05 -5.17
H11 EDO L . 0.86 -10.42 -7.69
H12 EDO L . -0.59 -10.48 -7.06
HO1 EDO L . 0.40 -8.61 -6.59
H21 EDO L . 1.58 -11.54 -5.62
H22 EDO L . 0.87 -12.43 -6.73
HO2 EDO L . -0.53 -11.36 -4.76
C1 EDO M . -6.41 -19.37 34.66
O1 EDO M . -5.60 -20.13 33.78
C2 EDO M . -6.66 -20.08 35.93
O2 EDO M . -7.12 -21.41 35.82
H11 EDO M . -7.26 -19.17 34.23
H12 EDO M . -5.95 -18.52 34.86
HO1 EDO M . -5.48 -19.69 33.06
H21 EDO M . -7.33 -19.56 36.42
H22 EDO M . -5.84 -20.07 36.45
HO2 EDO M . -6.74 -21.79 35.17
C1 EDO N . -32.97 -38.91 17.44
O1 EDO N . -33.68 -39.41 16.30
C2 EDO N . -31.62 -38.39 17.07
O2 EDO N . -30.52 -39.19 17.46
H11 EDO N . -32.86 -39.63 18.09
H12 EDO N . -33.48 -38.19 17.86
HO1 EDO N . -34.44 -39.69 16.55
H21 EDO N . -31.51 -37.51 17.47
H22 EDO N . -31.60 -38.28 16.10
HO2 EDO N . -30.71 -40.01 17.34
C1 EDO O . -22.73 -34.12 26.56
O1 EDO O . -23.32 -34.23 27.81
C2 EDO O . -21.55 -34.90 26.58
O2 EDO O . -21.88 -36.18 27.04
H11 EDO O . -22.50 -33.18 26.37
H12 EDO O . -23.34 -34.44 25.86
HO1 EDO O . -24.02 -33.76 27.84
H21 EDO O . -20.88 -34.50 27.17
H22 EDO O . -21.17 -34.96 25.68
HO2 EDO O . -22.15 -36.13 27.84
#